data_9GHJ
#
_entry.id   9GHJ
#
_cell.length_a   225.789
_cell.length_b   71.974
_cell.length_c   80.231
_cell.angle_alpha   90.000
_cell.angle_beta   95.895
_cell.angle_gamma   90.000
#
_symmetry.space_group_name_H-M   'C 1 2 1'
#
loop_
_entity.id
_entity.type
_entity.pdbx_description
1 polymer 'Pre-glycoprotein polyprotein GP complex'
2 polymer 'Glycoprotein G2'
3 polymer 'JUN1 heavy chain'
4 polymer 'JUN1 light chain'
5 branched beta-D-mannopyranose-(1-4)-2-acetamido-2-deoxy-beta-D-glucopyranose-(1-4)-[alpha-L-fucopyranose-(1-6)]2-acetamido-2-deoxy-beta-D-glucopyranose
6 branched 2-acetamido-2-deoxy-beta-D-glucopyranose-(1-4)-[alpha-L-fucopyranose-(1-6)]2-acetamido-2-deoxy-beta-D-glucopyranose
7 branched alpha-D-mannopyranose-(1-3)-beta-D-mannopyranose-(1-4)-2-acetamido-2-deoxy-beta-D-glucopyranose-(1-4)-2-acetamido-2-deoxy-beta-D-glucopyranose
8 branched 2-acetamido-2-deoxy-beta-D-glucopyranose-(1-4)-2-acetamido-2-deoxy-beta-D-glucopyranose
9 non-polymer 'TRIETHYLENE GLYCOL'
10 water water
#
loop_
_entity_poly.entity_id
_entity_poly.type
_entity_poly.pdbx_seq_one_letter_code
_entity_poly.pdbx_strand_id
1 'polypeptide(L)'
;EEAFKIGLHTEFQTVSFSMVGLFSNNPHDCPLLCTLNKSHLYIKGGNASFQISFDDIAVLLPQYDVIIQHPADMSWCSKS
DDQIWLSQWFMNAVGHDWHLDPPFLCRNRTKTEGFIFQVNTSKTGVNENYAKKFKTGMHHLYREYPDSCLNGKLCLMKAQ
PTSWPLQCPLDHVNTLHFLTRGKNIQLPRRRRR
;
A
2 'polypeptide(L)'
;AFFSWSLTDSSGKDTPGGYCLEEWMLVAAKMKCFGNTAVAKCNLNHDSEFCDMLRLFDYNKNAIKTLNDPTKKQVNLCGQ
TINALISDNLLMKNKIRELMSVPYCNYTKFWYVNHTLSGQHSLPRCWLIKNNSYLNISDFRNDWILESDFLISEMLSKEY
SDRQGSGDDDDKGSGWSHPQFEKGGGSGGGSGGSAWSHPQFEK
;
B
3 'polypeptide(L)'
;ETGQIQLVQSVETGGGLVRPGNSLKLSCVTSGFTFSNYQMHWLRQPPGKRLEWIAVITVKSDNYGANYVESVKGRFAISR
DDSKSSVYLEMNRLREEDTATYFCSRSGIYDGYYAYAMDYWGQGTSVTVSSATTKGPSVYPLAPGSAAQTNSMVTLGCLV
KGYFPEPVTVTWNSGSLSSGVHTFPAVLQSDLYTLSSSVTVPSSTWPSQTVTCNVAHPASSTKVDKKIVPRDCGTKHHHH
HH
;
H
4 'polypeptide(L)'
;ETGSVVMTQSQKFMSTSVGDRVSITCKASQIVGTSVAWYQQKAGQSPKLLIYWASTRHTGVPDRFTAGGSGTDFTLTITN
VQSEDLADYFCQQYATYPLTFGSGTKLELKRTDAAPTVSIFPPSSEQLTSGGASVVCFLNNFYPKDINVKWKIDGSERQN
GVLNSWTDQDSKDSTYSMSSTLTLTKDEYERHNSYTCEATHKTSTSPIVKSFNRNEC
;
L
#
loop_
_chem_comp.id
_chem_comp.type
_chem_comp.name
_chem_comp.formula
BMA D-saccharide, beta linking beta-D-mannopyranose 'C6 H12 O6'
FUC L-saccharide, alpha linking alpha-L-fucopyranose 'C6 H12 O5'
MAN D-saccharide, alpha linking alpha-D-mannopyranose 'C6 H12 O6'
NAG D-saccharide, beta linking 2-acetamido-2-deoxy-beta-D-glucopyranose 'C8 H15 N O6'
PGE non-polymer 'TRIETHYLENE GLYCOL' 'C6 H14 O4'
#
# COMPACT_ATOMS: atom_id res chain seq x y z
N GLU A 2 -48.36 -6.27 -15.64
CA GLU A 2 -49.19 -5.27 -16.37
C GLU A 2 -50.23 -5.95 -17.24
N ALA A 3 -51.31 -5.23 -17.49
CA ALA A 3 -52.37 -5.70 -18.38
C ALA A 3 -53.44 -4.64 -18.61
N PHE A 4 -54.02 -4.60 -19.81
CA PHE A 4 -55.14 -3.72 -20.08
C PHE A 4 -56.00 -4.38 -21.15
N LYS A 5 -57.17 -3.79 -21.38
CA LYS A 5 -58.13 -4.36 -22.32
C LYS A 5 -57.95 -3.70 -23.69
N ILE A 6 -57.78 -4.51 -24.71
CA ILE A 6 -57.67 -4.04 -26.09
C ILE A 6 -59.09 -3.97 -26.65
N GLY A 7 -59.79 -5.10 -26.63
CA GLY A 7 -61.19 -5.16 -26.93
C GLY A 7 -62.02 -5.47 -25.70
N LEU A 8 -63.20 -6.04 -25.94
CA LEU A 8 -64.05 -6.44 -24.81
C LEU A 8 -63.60 -7.76 -24.22
N HIS A 9 -63.17 -8.71 -25.06
CA HIS A 9 -62.69 -10.01 -24.62
C HIS A 9 -61.27 -10.29 -25.07
N THR A 10 -60.49 -9.24 -25.33
CA THR A 10 -59.08 -9.37 -25.70
C THR A 10 -58.26 -8.50 -24.76
N GLU A 11 -57.21 -9.07 -24.19
CA GLU A 11 -56.46 -8.42 -23.12
C GLU A 11 -54.98 -8.42 -23.47
N PHE A 12 -54.35 -7.25 -23.30
CA PHE A 12 -52.90 -7.14 -23.34
C PHE A 12 -52.35 -7.68 -22.03
N GLN A 13 -51.44 -8.65 -22.12
CA GLN A 13 -50.89 -9.30 -20.93
C GLN A 13 -49.39 -9.43 -21.08
N THR A 14 -48.72 -9.72 -19.95
CA THR A 14 -47.27 -9.78 -19.91
C THR A 14 -46.81 -11.00 -19.14
N VAL A 15 -45.56 -11.37 -19.37
CA VAL A 15 -44.87 -12.41 -18.62
C VAL A 15 -43.43 -11.98 -18.46
N SER A 16 -42.90 -12.08 -17.24
CA SER A 16 -41.57 -11.56 -16.92
C SER A 16 -40.74 -12.68 -16.31
N PHE A 17 -39.61 -13.00 -16.94
CA PHE A 17 -38.76 -14.08 -16.48
C PHE A 17 -37.97 -13.66 -15.25
N SER A 18 -37.76 -14.61 -14.35
CA SER A 18 -37.04 -14.36 -13.11
C SER A 18 -35.54 -14.59 -13.33
N MET A 19 -34.74 -13.55 -13.13
CA MET A 19 -33.29 -13.72 -13.19
C MET A 19 -32.80 -14.50 -11.98
N VAL A 20 -33.38 -14.27 -10.81
CA VAL A 20 -33.06 -15.09 -9.64
C VAL A 20 -33.25 -16.56 -9.99
N GLY A 21 -34.41 -16.89 -10.57
CA GLY A 21 -34.66 -18.28 -10.94
C GLY A 21 -33.68 -18.81 -11.96
N LEU A 22 -33.43 -18.03 -13.01
CA LEU A 22 -32.54 -18.48 -14.07
C LEU A 22 -31.14 -18.76 -13.53
N PHE A 23 -30.59 -17.82 -12.77
CA PHE A 23 -29.23 -17.96 -12.28
C PHE A 23 -29.12 -19.04 -11.21
N SER A 24 -29.97 -18.94 -10.16
CA SER A 24 -29.85 -19.86 -9.04
C SER A 24 -30.10 -21.30 -9.45
N ASN A 25 -30.99 -21.53 -10.41
CA ASN A 25 -31.36 -22.88 -10.84
C ASN A 25 -30.68 -23.27 -12.15
N ASN A 26 -29.56 -22.64 -12.49
CA ASN A 26 -28.76 -23.07 -13.64
C ASN A 26 -27.75 -24.08 -13.13
N PRO A 27 -27.89 -25.37 -13.45
CA PRO A 27 -26.93 -26.36 -12.95
C PRO A 27 -25.53 -26.22 -13.53
N HIS A 28 -25.36 -25.46 -14.60
CA HIS A 28 -24.05 -25.26 -15.20
C HIS A 28 -23.30 -24.13 -14.49
N ASP A 29 -21.97 -24.20 -14.55
CA ASP A 29 -21.11 -23.16 -13.99
C ASP A 29 -20.95 -22.06 -15.04
N CYS A 30 -21.97 -21.20 -15.13
CA CYS A 30 -21.99 -20.20 -16.18
C CYS A 30 -21.29 -18.92 -15.73
N PRO A 31 -20.65 -18.21 -16.67
CA PRO A 31 -20.02 -16.93 -16.30
C PRO A 31 -21.04 -15.83 -16.13
N LEU A 32 -20.87 -15.05 -15.07
CA LEU A 32 -21.74 -13.92 -14.77
C LEU A 32 -20.97 -12.64 -14.97
N LEU A 33 -21.61 -11.64 -15.58
CA LEU A 33 -21.03 -10.32 -15.77
C LEU A 33 -22.01 -9.28 -15.28
N CYS A 34 -21.60 -8.46 -14.32
CA CYS A 34 -22.47 -7.49 -13.67
C CYS A 34 -21.85 -6.10 -13.75
N THR A 35 -22.72 -5.10 -13.93
CA THR A 35 -22.35 -3.69 -13.79
C THR A 35 -22.97 -3.20 -12.49
N LEU A 36 -22.15 -3.10 -11.44
CA LEU A 36 -22.65 -2.65 -10.14
C LEU A 36 -23.00 -1.17 -10.16
N ASN A 37 -22.15 -0.36 -10.79
CA ASN A 37 -22.38 1.06 -10.94
C ASN A 37 -21.41 1.57 -11.99
N LYS A 38 -21.30 2.90 -12.11
CA LYS A 38 -20.54 3.49 -13.20
C LYS A 38 -19.05 3.16 -13.15
N SER A 39 -18.52 2.82 -11.97
CA SER A 39 -17.09 2.64 -11.81
C SER A 39 -16.66 1.19 -11.61
N HIS A 40 -17.52 0.32 -11.10
CA HIS A 40 -17.14 -1.02 -10.70
C HIS A 40 -17.90 -2.05 -11.52
N LEU A 41 -17.16 -2.88 -12.24
CA LEU A 41 -17.74 -4.01 -12.97
C LEU A 41 -17.27 -5.31 -12.33
N TYR A 42 -17.97 -6.40 -12.62
CA TYR A 42 -17.67 -7.68 -12.00
C TYR A 42 -17.86 -8.80 -13.01
N ILE A 43 -17.01 -9.83 -12.88
CA ILE A 43 -17.11 -11.03 -13.71
C ILE A 43 -16.77 -12.23 -12.85
N LYS A 44 -17.56 -13.30 -12.99
CA LYS A 44 -17.38 -14.50 -12.19
C LYS A 44 -17.44 -15.72 -13.10
N GLY A 45 -16.50 -16.64 -12.89
CA GLY A 45 -16.47 -17.90 -13.61
C GLY A 45 -15.80 -18.96 -12.78
N GLY A 46 -16.49 -20.08 -12.56
CA GLY A 46 -15.94 -21.10 -11.69
C GLY A 46 -15.70 -20.55 -10.31
N ASN A 47 -14.53 -20.85 -9.75
CA ASN A 47 -14.13 -20.33 -8.45
C ASN A 47 -13.47 -18.96 -8.55
N ALA A 48 -13.41 -18.37 -9.73
CA ALA A 48 -12.78 -17.08 -9.93
C ALA A 48 -13.83 -15.97 -9.96
N SER A 49 -13.51 -14.85 -9.30
CA SER A 49 -14.40 -13.70 -9.26
C SER A 49 -13.54 -12.44 -9.28
N PHE A 50 -13.69 -11.63 -10.32
CA PHE A 50 -12.87 -10.45 -10.54
C PHE A 50 -13.73 -9.19 -10.45
N GLN A 51 -13.16 -8.18 -9.79
CA GLN A 51 -13.62 -6.81 -9.92
C GLN A 51 -12.78 -6.12 -10.99
N ILE A 52 -13.47 -5.49 -11.95
CA ILE A 52 -12.87 -4.75 -13.04
C ILE A 52 -13.08 -3.26 -12.77
N SER A 53 -11.98 -2.51 -12.81
CA SER A 53 -12.01 -1.07 -12.57
C SER A 53 -11.13 -0.37 -13.59
N PHE A 54 -11.46 0.88 -13.87
CA PHE A 54 -10.73 1.70 -14.84
C PHE A 54 -10.28 2.98 -14.15
N ASP A 55 -8.98 3.25 -14.19
CA ASP A 55 -8.47 4.54 -13.74
C ASP A 55 -7.00 4.66 -14.16
N ASP A 56 -6.40 5.81 -13.86
CA ASP A 56 -5.11 6.19 -14.40
C ASP A 56 -3.93 5.67 -13.58
N ILE A 57 -4.16 4.76 -12.64
CA ILE A 57 -3.09 4.22 -11.81
C ILE A 57 -2.45 3.04 -12.53
N ALA A 58 -1.14 3.13 -12.76
CA ALA A 58 -0.38 2.00 -13.30
C ALA A 58 0.01 1.11 -12.13
N VAL A 59 -0.97 0.31 -11.69
CA VAL A 59 -0.71 -0.65 -10.61
C VAL A 59 0.46 -1.55 -10.98
N LEU A 60 0.48 -2.02 -12.22
CA LEU A 60 1.57 -2.83 -12.74
C LEU A 60 2.44 -1.99 -13.66
N LEU A 61 3.72 -2.36 -13.74
CA LEU A 61 4.66 -1.72 -14.64
C LEU A 61 5.42 -2.79 -15.40
N PRO A 62 5.63 -2.61 -16.70
CA PRO A 62 6.30 -3.67 -17.49
C PRO A 62 7.70 -4.01 -17.00
N GLN A 63 8.41 -3.05 -16.40
CA GLN A 63 9.76 -3.35 -15.92
C GLN A 63 9.76 -4.40 -14.83
N TYR A 64 8.72 -4.44 -13.99
CA TYR A 64 8.72 -5.30 -12.81
C TYR A 64 7.72 -6.44 -12.86
N ASP A 65 6.69 -6.35 -13.69
CA ASP A 65 5.60 -7.31 -13.70
C ASP A 65 5.66 -8.17 -14.96
N VAL A 66 4.77 -9.16 -15.02
CA VAL A 66 4.82 -10.19 -16.05
C VAL A 66 4.11 -9.70 -17.30
N ILE A 67 4.86 -9.69 -18.41
CA ILE A 67 4.32 -9.34 -19.72
C ILE A 67 3.61 -10.56 -20.30
N ILE A 68 2.39 -10.34 -20.80
CA ILE A 68 1.57 -11.40 -21.37
C ILE A 68 1.41 -11.09 -22.86
N GLN A 69 2.04 -11.92 -23.68
CA GLN A 69 1.87 -11.93 -25.13
C GLN A 69 1.08 -13.12 -25.63
N HIS A 70 1.34 -14.29 -25.07
CA HIS A 70 0.66 -15.54 -25.36
C HIS A 70 -0.18 -15.98 -24.17
N PRO A 71 -1.34 -16.61 -24.39
CA PRO A 71 -2.15 -17.03 -23.24
C PRO A 71 -1.39 -17.87 -22.22
N ALA A 72 -0.49 -18.74 -22.68
CA ALA A 72 0.25 -19.60 -21.78
C ALA A 72 1.08 -18.79 -20.78
N ASP A 73 1.52 -17.60 -21.17
CA ASP A 73 2.25 -16.75 -20.24
C ASP A 73 1.49 -16.58 -18.93
N MET A 74 0.16 -16.55 -19.00
CA MET A 74 -0.63 -16.31 -17.79
C MET A 74 -0.46 -17.41 -16.76
N SER A 75 0.26 -18.48 -17.08
CA SER A 75 0.61 -19.47 -16.07
C SER A 75 1.39 -18.85 -14.93
N TRP A 76 2.08 -17.74 -15.17
CA TRP A 76 2.84 -17.08 -14.12
C TRP A 76 2.02 -16.10 -13.30
N CYS A 77 0.76 -15.84 -13.69
CA CYS A 77 -0.06 -14.86 -12.99
C CYS A 77 -0.72 -15.40 -11.74
N SER A 78 -0.89 -16.72 -11.63
CA SER A 78 -1.72 -17.25 -10.56
C SER A 78 -1.34 -18.69 -10.26
N LYS A 79 -1.83 -19.16 -9.11
CA LYS A 79 -1.77 -20.55 -8.71
C LYS A 79 -3.11 -21.26 -8.93
N SER A 80 -4.15 -20.51 -9.32
CA SER A 80 -5.49 -21.04 -9.51
C SER A 80 -5.78 -21.12 -11.01
N ASP A 81 -6.04 -22.33 -11.51
CA ASP A 81 -6.36 -22.49 -12.92
C ASP A 81 -7.64 -21.74 -13.29
N ASP A 82 -8.56 -21.56 -12.34
CA ASP A 82 -9.79 -20.83 -12.64
C ASP A 82 -9.50 -19.36 -12.94
N GLN A 83 -8.63 -18.73 -12.15
CA GLN A 83 -8.28 -17.34 -12.41
C GLN A 83 -7.67 -17.18 -13.80
N ILE A 84 -6.72 -18.04 -14.15
CA ILE A 84 -6.07 -17.97 -15.44
C ILE A 84 -7.09 -18.19 -16.55
N TRP A 85 -7.92 -19.22 -16.41
CA TRP A 85 -8.91 -19.54 -17.44
C TRP A 85 -9.88 -18.38 -17.64
N LEU A 86 -10.34 -17.78 -16.54
CA LEU A 86 -11.28 -16.67 -16.65
C LEU A 86 -10.62 -15.45 -17.28
N SER A 87 -9.35 -15.19 -16.96
CA SER A 87 -8.65 -14.07 -17.56
C SER A 87 -8.48 -14.26 -19.07
N GLN A 88 -8.00 -15.44 -19.47
CA GLN A 88 -7.89 -15.75 -20.90
C GLN A 88 -9.23 -15.63 -21.59
N TRP A 89 -10.27 -16.21 -21.01
CA TRP A 89 -11.61 -16.15 -21.59
C TRP A 89 -12.06 -14.71 -21.76
N PHE A 90 -11.83 -13.87 -20.76
CA PHE A 90 -12.25 -12.48 -20.85
C PHE A 90 -11.50 -11.74 -21.96
N MET A 91 -10.17 -11.93 -22.02
CA MET A 91 -9.41 -11.23 -23.04
C MET A 91 -9.79 -11.71 -24.45
N ASN A 92 -10.12 -12.99 -24.59
CA ASN A 92 -10.67 -13.45 -25.87
C ASN A 92 -12.00 -12.78 -26.17
N ALA A 93 -12.94 -12.83 -25.23
CA ALA A 93 -14.28 -12.33 -25.48
C ALA A 93 -14.29 -10.85 -25.78
N VAL A 94 -13.40 -10.08 -25.16
CA VAL A 94 -13.38 -8.64 -25.38
C VAL A 94 -12.72 -8.27 -26.70
N GLY A 95 -12.05 -9.21 -27.35
CA GLY A 95 -11.48 -8.98 -28.66
C GLY A 95 -9.99 -8.74 -28.71
N HIS A 96 -9.26 -9.06 -27.64
CA HIS A 96 -7.82 -8.88 -27.64
C HIS A 96 -7.16 -9.89 -28.59
N ASP A 97 -6.30 -9.39 -29.47
CA ASP A 97 -5.62 -10.21 -30.47
C ASP A 97 -4.23 -10.55 -29.95
N TRP A 98 -4.08 -11.78 -29.47
CA TRP A 98 -2.81 -12.19 -28.87
C TRP A 98 -1.64 -12.06 -29.84
N HIS A 99 -1.90 -12.06 -31.15
CA HIS A 99 -0.83 -12.03 -32.13
C HIS A 99 -0.38 -10.61 -32.43
N LEU A 100 -1.33 -9.70 -32.63
CA LEU A 100 -1.02 -8.36 -33.13
C LEU A 100 -1.13 -7.26 -32.09
N ASP A 101 -1.91 -7.44 -31.03
CA ASP A 101 -2.14 -6.37 -30.09
C ASP A 101 -1.02 -6.27 -29.06
N PRO A 102 -0.90 -5.14 -28.38
CA PRO A 102 0.15 -4.99 -27.37
C PRO A 102 -0.01 -6.01 -26.26
N PRO A 103 1.08 -6.55 -25.74
CA PRO A 103 0.97 -7.44 -24.57
C PRO A 103 0.40 -6.67 -23.38
N PHE A 104 -0.24 -7.39 -22.47
CA PHE A 104 -0.72 -6.74 -21.25
C PHE A 104 0.10 -7.26 -20.07
N LEU A 105 -0.37 -6.97 -18.85
CA LEU A 105 0.44 -7.19 -17.67
C LEU A 105 -0.34 -7.94 -16.60
N CYS A 106 0.36 -8.80 -15.87
CA CYS A 106 -0.18 -9.38 -14.64
C CYS A 106 0.92 -9.44 -13.60
N ARG A 107 0.52 -9.61 -12.34
CA ARG A 107 1.47 -9.69 -11.24
C ARG A 107 1.96 -11.13 -11.10
N ASN A 108 3.28 -11.29 -11.01
CA ASN A 108 3.88 -12.59 -10.77
C ASN A 108 3.30 -13.23 -9.52
N ARG A 109 2.87 -14.49 -9.65
CA ARG A 109 2.30 -15.20 -8.51
C ARG A 109 3.28 -15.35 -7.36
N THR A 110 4.58 -15.16 -7.62
CA THR A 110 5.57 -15.22 -6.55
C THR A 110 5.40 -14.07 -5.57
N LYS A 111 4.85 -12.95 -6.03
CA LYS A 111 4.59 -11.82 -5.16
C LYS A 111 3.29 -12.05 -4.39
N THR A 112 3.17 -11.37 -3.24
CA THR A 112 2.07 -11.60 -2.31
C THR A 112 1.09 -10.45 -2.23
N GLU A 113 1.29 -9.36 -2.99
CA GLU A 113 0.30 -8.30 -3.01
C GLU A 113 -1.07 -8.83 -3.45
N GLY A 114 -1.07 -9.78 -4.38
CA GLY A 114 -2.29 -10.44 -4.81
C GLY A 114 -2.36 -10.56 -6.32
N PHE A 115 -3.26 -11.43 -6.78
CA PHE A 115 -3.51 -11.55 -8.20
C PHE A 115 -4.08 -10.25 -8.76
N ILE A 116 -3.61 -9.87 -9.94
CA ILE A 116 -4.18 -8.74 -10.66
C ILE A 116 -3.61 -8.74 -12.07
N PHE A 117 -4.45 -8.42 -13.06
CA PHE A 117 -3.91 -8.15 -14.38
C PHE A 117 -4.46 -6.82 -14.89
N GLN A 118 -3.70 -6.23 -15.82
CA GLN A 118 -3.86 -4.84 -16.19
C GLN A 118 -3.74 -4.70 -17.70
N VAL A 119 -4.65 -3.92 -18.27
CA VAL A 119 -4.73 -3.71 -19.71
C VAL A 119 -4.78 -2.20 -19.97
N ASN A 120 -3.95 -1.72 -20.90
CA ASN A 120 -3.87 -0.30 -21.20
C ASN A 120 -4.96 0.03 -22.22
N THR A 121 -6.03 0.66 -21.74
CA THR A 121 -7.16 1.04 -22.59
C THR A 121 -7.21 2.55 -22.81
N SER A 122 -6.05 3.20 -22.77
CA SER A 122 -5.99 4.65 -22.94
C SER A 122 -6.34 5.04 -24.37
N LYS A 123 -7.33 5.91 -24.52
CA LYS A 123 -7.77 6.39 -25.83
C LYS A 123 -6.92 7.58 -26.26
N THR A 124 -5.65 7.29 -26.56
CA THR A 124 -4.72 8.35 -26.90
C THR A 124 -3.58 7.80 -27.73
N GLY A 125 -3.11 8.60 -28.69
CA GLY A 125 -1.91 8.28 -29.42
C GLY A 125 -1.95 6.90 -30.06
N VAL A 126 -0.79 6.23 -30.04
CA VAL A 126 -0.63 4.99 -30.77
C VAL A 126 -1.55 3.89 -30.24
N ASN A 127 -2.10 4.07 -29.04
CA ASN A 127 -2.98 3.08 -28.44
C ASN A 127 -4.44 3.27 -28.83
N GLU A 128 -4.79 4.41 -29.44
CA GLU A 128 -6.19 4.77 -29.65
C GLU A 128 -6.98 3.62 -30.27
N ASN A 129 -6.55 3.16 -31.45
CA ASN A 129 -7.25 2.07 -32.12
C ASN A 129 -7.53 0.93 -31.13
N TYR A 130 -6.47 0.42 -30.49
CA TYR A 130 -6.66 -0.66 -29.53
C TYR A 130 -7.72 -0.28 -28.51
N ALA A 131 -7.55 0.88 -27.87
CA ALA A 131 -8.53 1.32 -26.88
C ALA A 131 -9.93 1.25 -27.46
N LYS A 132 -10.12 1.83 -28.64
CA LYS A 132 -11.46 1.81 -29.26
C LYS A 132 -11.98 0.38 -29.36
N LYS A 133 -11.17 -0.51 -29.95
CA LYS A 133 -11.60 -1.90 -30.05
C LYS A 133 -12.00 -2.42 -28.67
N PHE A 134 -11.12 -2.22 -27.68
CA PHE A 134 -11.42 -2.70 -26.34
C PHE A 134 -12.76 -2.15 -25.87
N LYS A 135 -12.97 -0.84 -26.05
CA LYS A 135 -14.24 -0.23 -25.69
C LYS A 135 -15.39 -1.01 -26.32
N THR A 136 -15.33 -1.20 -27.64
CA THR A 136 -16.39 -1.93 -28.33
C THR A 136 -16.58 -3.29 -27.68
N GLY A 137 -15.48 -4.00 -27.40
CA GLY A 137 -15.60 -5.28 -26.73
C GLY A 137 -16.41 -5.18 -25.45
N MET A 138 -16.04 -4.24 -24.59
CA MET A 138 -16.76 -4.08 -23.34
C MET A 138 -18.23 -3.79 -23.59
N HIS A 139 -18.52 -3.00 -24.63
CA HIS A 139 -19.91 -2.67 -24.93
C HIS A 139 -20.73 -3.91 -25.25
N HIS A 140 -20.10 -4.93 -25.85
CA HIS A 140 -20.81 -6.17 -26.11
C HIS A 140 -20.95 -7.01 -24.85
N LEU A 141 -19.98 -6.94 -23.94
CA LEU A 141 -20.00 -7.83 -22.78
C LEU A 141 -20.81 -7.25 -21.62
N TYR A 142 -20.94 -5.93 -21.55
CA TYR A 142 -21.66 -5.28 -20.47
C TYR A 142 -22.74 -4.39 -21.08
N ARG A 143 -24.00 -4.84 -20.97
CA ARG A 143 -25.12 -4.05 -21.44
C ARG A 143 -25.09 -2.69 -20.77
N GLU A 144 -25.24 -1.63 -21.57
CA GLU A 144 -25.16 -0.26 -21.07
C GLU A 144 -23.82 -0.03 -20.38
N TYR A 145 -22.75 -0.39 -21.07
CA TYR A 145 -21.40 -0.29 -20.54
C TYR A 145 -21.07 1.15 -20.14
N PRO A 146 -20.81 1.43 -18.86
CA PRO A 146 -20.41 2.79 -18.48
C PRO A 146 -18.95 3.06 -18.80
N ASP A 147 -18.69 3.60 -19.99
CA ASP A 147 -17.33 3.85 -20.45
C ASP A 147 -16.73 4.98 -19.63
N SER A 148 -15.74 4.66 -18.79
CA SER A 148 -15.08 5.65 -17.95
C SER A 148 -13.86 6.27 -18.60
N CYS A 149 -13.34 5.67 -19.67
CA CYS A 149 -12.12 6.15 -20.30
C CYS A 149 -12.44 7.33 -21.21
N LEU A 150 -11.88 8.50 -20.88
CA LEU A 150 -12.10 9.71 -21.64
C LEU A 150 -11.05 9.83 -22.75
N ASN A 151 -11.46 10.45 -23.86
CA ASN A 151 -10.56 10.61 -25.00
C ASN A 151 -9.35 11.45 -24.61
N GLY A 152 -8.18 11.03 -25.10
CA GLY A 152 -6.95 11.73 -24.83
C GLY A 152 -6.37 11.55 -23.45
N LYS A 153 -7.07 10.85 -22.56
CA LYS A 153 -6.65 10.69 -21.17
C LYS A 153 -6.16 9.28 -20.93
N LEU A 154 -5.28 9.14 -19.92
CA LEU A 154 -4.81 7.83 -19.51
C LEU A 154 -5.94 7.06 -18.85
N CYS A 155 -6.03 5.77 -19.18
CA CYS A 155 -7.09 4.91 -18.65
C CYS A 155 -6.57 3.48 -18.67
N LEU A 156 -6.39 2.90 -17.50
CA LEU A 156 -5.88 1.54 -17.36
C LEU A 156 -6.92 0.70 -16.64
N MET A 157 -7.23 -0.46 -17.22
CA MET A 157 -8.15 -1.40 -16.62
C MET A 157 -7.36 -2.36 -15.75
N LYS A 158 -7.86 -2.60 -14.53
CA LYS A 158 -7.33 -3.62 -13.65
C LYS A 158 -8.44 -4.60 -13.28
N ALA A 159 -8.08 -5.88 -13.22
CA ALA A 159 -8.98 -6.94 -12.79
C ALA A 159 -8.30 -7.67 -11.64
N GLN A 160 -9.00 -7.76 -10.52
CA GLN A 160 -8.44 -8.30 -9.28
C GLN A 160 -9.46 -9.15 -8.56
N PRO A 161 -9.01 -10.09 -7.72
CA PRO A 161 -9.96 -10.96 -7.01
C PRO A 161 -10.90 -10.16 -6.12
N THR A 162 -12.14 -10.63 -6.03
CA THR A 162 -13.16 -9.97 -5.22
C THR A 162 -14.22 -11.01 -4.83
N SER A 163 -15.08 -10.61 -3.91
CA SER A 163 -16.30 -11.35 -3.62
C SER A 163 -17.43 -10.76 -4.43
N TRP A 164 -18.28 -11.63 -4.98
CA TRP A 164 -19.37 -11.17 -5.83
C TRP A 164 -20.27 -10.21 -5.06
N PRO A 165 -20.45 -8.98 -5.52
CA PRO A 165 -21.36 -8.07 -4.82
C PRO A 165 -22.76 -8.66 -4.75
N LEU A 166 -23.30 -8.71 -3.54
CA LEU A 166 -24.64 -9.27 -3.37
C LEU A 166 -25.70 -8.42 -4.05
N GLN A 167 -25.45 -7.12 -4.20
CA GLN A 167 -26.39 -6.21 -4.85
C GLN A 167 -26.15 -6.10 -6.35
N CYS A 168 -25.42 -7.04 -6.94
CA CYS A 168 -25.12 -6.97 -8.37
C CYS A 168 -26.36 -7.36 -9.18
N PRO A 169 -26.86 -6.49 -10.06
CA PRO A 169 -27.98 -6.89 -10.92
C PRO A 169 -27.59 -8.04 -11.83
N LEU A 170 -28.33 -9.15 -11.70
CA LEU A 170 -28.11 -10.30 -12.56
C LEU A 170 -28.65 -10.02 -13.95
N ASP A 171 -27.76 -9.98 -14.95
CA ASP A 171 -28.13 -9.69 -16.34
C ASP A 171 -27.60 -10.81 -17.22
N HIS A 172 -28.50 -11.71 -17.63
CA HIS A 172 -28.12 -12.87 -18.43
C HIS A 172 -27.69 -12.51 -19.85
N VAL A 173 -28.05 -11.32 -20.33
CA VAL A 173 -27.63 -10.92 -21.68
C VAL A 173 -26.11 -10.84 -21.76
N ASN A 174 -25.48 -10.29 -20.71
CA ASN A 174 -24.02 -10.26 -20.66
C ASN A 174 -23.46 -11.67 -20.74
N THR A 175 -24.08 -12.63 -20.05
CA THR A 175 -23.63 -14.01 -20.12
C THR A 175 -23.76 -14.58 -21.52
N LEU A 176 -24.87 -14.27 -22.20
CA LEU A 176 -25.05 -14.77 -23.57
C LEU A 176 -23.96 -14.22 -24.48
N HIS A 177 -23.65 -12.92 -24.37
CA HIS A 177 -22.61 -12.36 -25.21
C HIS A 177 -21.23 -12.93 -24.86
N PHE A 178 -20.99 -13.17 -23.56
CA PHE A 178 -19.71 -13.75 -23.16
C PHE A 178 -19.54 -15.15 -23.75
N LEU A 179 -20.59 -15.97 -23.69
CA LEU A 179 -20.52 -17.30 -24.26
C LEU A 179 -20.40 -17.25 -25.78
N THR A 180 -21.08 -16.30 -26.41
CA THR A 180 -21.06 -16.21 -27.87
C THR A 180 -19.71 -15.77 -28.40
N ARG A 181 -19.07 -14.82 -27.72
CA ARG A 181 -17.86 -14.20 -28.24
C ARG A 181 -16.60 -14.99 -27.88
N GLY A 182 -16.61 -15.74 -26.79
CA GLY A 182 -15.45 -16.52 -26.38
C GLY A 182 -15.35 -17.83 -27.14
N PHE B 2 -30.58 -28.80 -38.10
CA PHE B 2 -31.65 -28.53 -37.14
C PHE B 2 -31.08 -28.39 -35.73
N PHE B 3 -29.99 -27.63 -35.60
CA PHE B 3 -29.33 -27.42 -34.32
C PHE B 3 -30.11 -26.42 -33.47
N SER B 4 -31.33 -26.81 -33.12
CA SER B 4 -32.25 -25.95 -32.37
C SER B 4 -33.01 -26.78 -31.36
N TRP B 5 -32.93 -26.39 -30.09
CA TRP B 5 -33.57 -27.15 -29.02
C TRP B 5 -35.08 -27.07 -29.14
N SER B 6 -35.74 -28.22 -29.09
CA SER B 6 -37.19 -28.30 -29.25
C SER B 6 -37.88 -28.24 -27.89
N LEU B 7 -39.00 -27.52 -27.83
CA LEU B 7 -39.77 -27.39 -26.61
C LEU B 7 -40.88 -28.44 -26.59
N THR B 8 -40.93 -29.22 -25.51
CA THR B 8 -41.98 -30.20 -25.31
C THR B 8 -42.27 -30.29 -23.82
N ASP B 9 -43.56 -30.28 -23.47
CA ASP B 9 -43.97 -30.29 -22.07
C ASP B 9 -44.53 -31.65 -21.68
N GLY B 18 -48.61 -27.64 -25.49
CA GLY B 18 -48.24 -26.33 -24.99
C GLY B 18 -46.99 -26.35 -24.14
N TYR B 19 -46.82 -25.34 -23.29
CA TYR B 19 -45.67 -25.27 -22.41
C TYR B 19 -46.03 -24.51 -21.15
N CYS B 20 -45.77 -25.10 -19.99
CA CYS B 20 -46.06 -24.48 -18.71
C CYS B 20 -44.77 -24.04 -18.05
N LEU B 21 -44.72 -22.77 -17.64
CA LEU B 21 -43.58 -22.20 -16.95
C LEU B 21 -43.75 -22.38 -15.45
N GLU B 22 -42.71 -22.92 -14.81
CA GLU B 22 -42.69 -23.17 -13.38
C GLU B 22 -42.60 -21.86 -12.61
N GLU B 23 -42.95 -21.92 -11.32
CA GLU B 23 -43.00 -20.71 -10.51
C GLU B 23 -41.64 -20.02 -10.44
N TRP B 24 -40.55 -20.79 -10.39
CA TRP B 24 -39.23 -20.19 -10.25
C TRP B 24 -38.76 -19.49 -11.52
N MET B 25 -39.44 -19.71 -12.65
CA MET B 25 -39.05 -19.07 -13.90
C MET B 25 -39.64 -17.68 -14.08
N LEU B 26 -40.63 -17.31 -13.28
CA LEU B 26 -41.39 -16.08 -13.47
C LEU B 26 -41.33 -15.21 -12.22
N VAL B 27 -41.25 -13.89 -12.44
CA VAL B 27 -41.26 -12.96 -11.32
C VAL B 27 -42.56 -13.09 -10.53
N ALA B 28 -43.67 -13.35 -11.23
CA ALA B 28 -44.96 -13.51 -10.56
C ALA B 28 -44.98 -14.72 -9.62
N ALA B 29 -44.02 -15.62 -9.74
CA ALA B 29 -43.94 -16.80 -8.88
C ALA B 29 -45.22 -17.62 -8.91
N LYS B 30 -45.89 -17.64 -10.05
CA LYS B 30 -47.08 -18.46 -10.27
C LYS B 30 -46.94 -19.14 -11.62
N MET B 31 -47.10 -20.47 -11.63
CA MET B 31 -47.01 -21.21 -12.88
C MET B 31 -47.92 -20.59 -13.93
N LYS B 32 -47.45 -20.59 -15.18
CA LYS B 32 -48.24 -20.00 -16.26
C LYS B 32 -48.08 -20.82 -17.52
N CYS B 33 -49.19 -21.25 -18.12
CA CYS B 33 -49.16 -22.16 -19.25
C CYS B 33 -49.56 -21.42 -20.52
N PHE B 34 -48.83 -21.71 -21.60
CA PHE B 34 -49.11 -21.19 -22.93
C PHE B 34 -49.52 -22.33 -23.84
N GLY B 35 -50.45 -22.03 -24.76
CA GLY B 35 -51.04 -23.07 -25.57
C GLY B 35 -50.11 -23.58 -26.66
N ASN B 36 -50.44 -24.76 -27.17
CA ASN B 36 -49.66 -25.35 -28.24
C ASN B 36 -49.62 -24.45 -29.47
N THR B 37 -50.74 -23.80 -29.77
CA THR B 37 -50.78 -22.93 -30.95
C THR B 37 -49.67 -21.89 -30.90
N ALA B 38 -49.46 -21.26 -29.74
CA ALA B 38 -48.45 -20.23 -29.62
C ALA B 38 -47.05 -20.82 -29.57
N VAL B 39 -46.85 -21.87 -28.76
CA VAL B 39 -45.50 -22.35 -28.51
C VAL B 39 -44.95 -23.12 -29.70
N ALA B 40 -45.82 -23.73 -30.51
CA ALA B 40 -45.34 -24.46 -31.68
C ALA B 40 -44.63 -23.53 -32.66
N LYS B 41 -44.96 -22.23 -32.63
CA LYS B 41 -44.26 -21.28 -33.47
C LYS B 41 -42.79 -21.15 -33.08
N CYS B 42 -42.44 -21.50 -31.84
CA CYS B 42 -41.05 -21.42 -31.42
C CYS B 42 -40.15 -22.42 -32.13
N ASN B 43 -40.71 -23.50 -32.68
CA ASN B 43 -39.89 -24.54 -33.27
C ASN B 43 -39.24 -24.04 -34.55
N LEU B 44 -37.90 -24.01 -34.56
CA LEU B 44 -37.10 -23.57 -35.69
C LEU B 44 -37.32 -22.09 -36.02
N ASN B 45 -37.80 -21.31 -35.04
CA ASN B 45 -37.96 -19.87 -35.18
C ASN B 45 -36.76 -19.21 -34.53
N HIS B 46 -35.84 -18.70 -35.35
CA HIS B 46 -34.64 -18.01 -34.87
C HIS B 46 -34.82 -16.50 -34.82
N ASP B 47 -36.05 -16.02 -34.73
CA ASP B 47 -36.34 -14.60 -34.61
C ASP B 47 -37.37 -14.38 -33.51
N SER B 48 -37.11 -14.92 -32.32
CA SER B 48 -38.01 -14.74 -31.19
C SER B 48 -37.17 -14.80 -29.91
N GLU B 49 -36.99 -13.65 -29.25
CA GLU B 49 -36.30 -13.65 -27.97
C GLU B 49 -37.07 -14.45 -26.93
N PHE B 50 -38.40 -14.42 -26.99
CA PHE B 50 -39.20 -15.18 -26.05
C PHE B 50 -38.92 -16.67 -26.17
N CYS B 51 -38.85 -17.18 -27.40
CA CYS B 51 -38.54 -18.59 -27.60
C CYS B 51 -37.12 -18.90 -27.14
N ASP B 52 -36.20 -17.96 -27.34
CA ASP B 52 -34.85 -18.14 -26.82
C ASP B 52 -34.87 -18.33 -25.31
N MET B 53 -35.62 -17.49 -24.60
CA MET B 53 -35.70 -17.62 -23.15
C MET B 53 -36.37 -18.93 -22.75
N LEU B 54 -37.45 -19.30 -23.43
CA LEU B 54 -38.07 -20.59 -23.14
C LEU B 54 -37.08 -21.73 -23.30
N ARG B 55 -36.29 -21.70 -24.39
CA ARG B 55 -35.32 -22.76 -24.62
C ARG B 55 -34.24 -22.77 -23.54
N LEU B 56 -33.76 -21.59 -23.13
CA LEU B 56 -32.79 -21.53 -22.04
C LEU B 56 -33.34 -22.20 -20.79
N PHE B 57 -34.52 -21.75 -20.35
CA PHE B 57 -35.10 -22.29 -19.13
C PHE B 57 -35.36 -23.80 -19.25
N ASP B 58 -35.81 -24.25 -20.41
CA ASP B 58 -36.15 -25.65 -20.57
C ASP B 58 -34.90 -26.53 -20.60
N TYR B 59 -33.85 -26.07 -21.28
CA TYR B 59 -32.59 -26.79 -21.25
C TYR B 59 -32.05 -26.88 -19.82
N ASN B 60 -32.15 -25.79 -19.05
CA ASN B 60 -31.68 -25.84 -17.67
C ASN B 60 -32.52 -26.77 -16.81
N LYS B 61 -33.86 -26.76 -17.01
CA LYS B 61 -34.71 -27.68 -16.27
C LYS B 61 -34.36 -29.13 -16.59
N ASN B 62 -34.13 -29.43 -17.86
CA ASN B 62 -33.72 -30.79 -18.24
C ASN B 62 -32.39 -31.15 -17.60
N ALA B 63 -31.44 -30.22 -17.61
CA ALA B 63 -30.14 -30.48 -16.97
C ALA B 63 -30.33 -30.81 -15.50
N ILE B 64 -31.17 -30.04 -14.80
CA ILE B 64 -31.45 -30.35 -13.39
C ILE B 64 -32.01 -31.76 -13.26
N LYS B 65 -33.02 -32.08 -14.07
CA LYS B 65 -33.67 -33.38 -13.94
C LYS B 65 -32.75 -34.53 -14.29
N THR B 66 -31.72 -34.29 -15.10
CA THR B 66 -30.81 -35.35 -15.52
C THR B 66 -29.72 -35.63 -14.50
N LEU B 67 -29.52 -34.74 -13.53
CA LEU B 67 -28.51 -34.96 -12.49
C LEU B 67 -29.05 -35.88 -11.41
N VAL B 75 -22.92 -32.81 -14.64
CA VAL B 75 -22.99 -31.40 -14.99
C VAL B 75 -22.08 -31.10 -16.17
N ASN B 76 -22.61 -30.40 -17.16
CA ASN B 76 -21.85 -29.99 -18.33
C ASN B 76 -21.22 -28.62 -18.11
N LEU B 77 -20.38 -28.22 -19.06
CA LEU B 77 -19.89 -26.86 -19.12
C LEU B 77 -20.97 -25.95 -19.69
N CYS B 78 -20.91 -24.68 -19.32
CA CYS B 78 -21.94 -23.74 -19.73
C CYS B 78 -21.80 -23.37 -21.20
N GLY B 79 -22.95 -23.25 -21.87
CA GLY B 79 -23.00 -22.68 -23.20
C GLY B 79 -22.40 -23.52 -24.31
N GLN B 80 -22.15 -24.81 -24.08
CA GLN B 80 -21.61 -25.64 -25.15
C GLN B 80 -22.57 -25.75 -26.32
N THR B 81 -23.88 -25.79 -26.04
CA THR B 81 -24.91 -25.83 -27.06
C THR B 81 -25.71 -24.53 -27.09
N ILE B 82 -25.06 -23.41 -26.80
CA ILE B 82 -25.76 -22.14 -26.64
C ILE B 82 -26.49 -21.75 -27.92
N ASN B 83 -25.88 -22.05 -29.08
CA ASN B 83 -26.48 -21.68 -30.35
C ASN B 83 -27.69 -22.53 -30.70
N ALA B 84 -27.93 -23.62 -29.99
CA ALA B 84 -29.17 -24.38 -30.13
C ALA B 84 -30.30 -23.79 -29.30
N LEU B 85 -29.98 -22.91 -28.35
CA LEU B 85 -30.97 -22.32 -27.46
C LEU B 85 -31.34 -20.90 -27.86
N ILE B 86 -30.37 -20.07 -28.23
CA ILE B 86 -30.61 -18.66 -28.51
C ILE B 86 -30.12 -18.34 -29.92
N SER B 87 -30.74 -17.35 -30.54
CA SER B 87 -30.36 -16.92 -31.87
C SER B 87 -29.24 -15.89 -31.76
N ASP B 88 -28.08 -16.22 -32.34
CA ASP B 88 -26.94 -15.31 -32.29
C ASP B 88 -27.22 -14.03 -33.08
N ASN B 89 -27.82 -14.16 -34.26
CA ASN B 89 -28.10 -12.98 -35.08
C ASN B 89 -29.05 -12.02 -34.38
N LEU B 90 -30.07 -12.56 -33.71
CA LEU B 90 -31.02 -11.70 -33.00
C LEU B 90 -30.34 -11.02 -31.81
N LEU B 91 -29.47 -11.74 -31.10
CA LEU B 91 -28.72 -11.12 -30.02
C LEU B 91 -27.85 -9.98 -30.54
N MET B 92 -27.17 -10.20 -31.66
CA MET B 92 -26.35 -9.14 -32.25
C MET B 92 -27.20 -7.96 -32.70
N LYS B 93 -28.38 -8.24 -33.26
CA LYS B 93 -29.29 -7.16 -33.64
C LYS B 93 -29.66 -6.31 -32.44
N ASN B 94 -30.01 -6.96 -31.33
CA ASN B 94 -30.38 -6.23 -30.13
C ASN B 94 -29.19 -5.43 -29.59
N LYS B 95 -27.98 -6.00 -29.67
CA LYS B 95 -26.80 -5.26 -29.24
C LYS B 95 -26.58 -4.01 -30.09
N ILE B 96 -26.64 -4.17 -31.41
CA ILE B 96 -26.45 -3.03 -32.30
C ILE B 96 -27.49 -1.96 -32.02
N ARG B 97 -28.74 -2.36 -31.86
CA ARG B 97 -29.80 -1.40 -31.55
C ARG B 97 -29.52 -0.68 -30.24
N GLU B 98 -29.04 -1.41 -29.23
CA GLU B 98 -28.63 -0.78 -27.98
C GLU B 98 -27.58 0.30 -28.24
N LEU B 99 -26.54 -0.05 -28.99
CA LEU B 99 -25.43 0.88 -29.21
C LEU B 99 -25.83 2.04 -30.12
N MET B 100 -26.86 1.87 -30.95
CA MET B 100 -27.41 2.97 -31.74
C MET B 100 -28.44 3.78 -30.96
N SER B 101 -28.69 3.44 -29.70
CA SER B 101 -29.60 4.20 -28.84
C SER B 101 -31.04 4.16 -29.38
N VAL B 102 -31.43 3.03 -29.96
CA VAL B 102 -32.81 2.81 -30.37
C VAL B 102 -33.40 1.73 -29.47
N PRO B 103 -34.72 1.58 -29.43
CA PRO B 103 -35.31 0.54 -28.58
C PRO B 103 -34.78 -0.84 -28.94
N TYR B 104 -34.58 -1.67 -27.91
CA TYR B 104 -34.07 -3.01 -28.11
C TYR B 104 -34.59 -3.92 -27.01
N CYS B 105 -34.38 -5.22 -27.21
CA CYS B 105 -34.84 -6.25 -26.28
C CYS B 105 -33.72 -6.65 -25.33
N ASN B 106 -33.99 -6.57 -24.02
CA ASN B 106 -33.07 -7.11 -23.02
C ASN B 106 -33.64 -8.36 -22.35
N TYR B 107 -34.47 -9.10 -23.08
CA TYR B 107 -34.72 -10.52 -22.83
C TYR B 107 -35.29 -10.77 -21.44
N THR B 108 -36.16 -9.87 -20.97
CA THR B 108 -36.72 -9.98 -19.62
C THR B 108 -38.23 -9.99 -19.63
N LYS B 109 -38.88 -8.94 -20.12
CA LYS B 109 -40.32 -8.80 -20.09
C LYS B 109 -40.89 -8.97 -21.49
N PHE B 110 -42.00 -9.70 -21.59
CA PHE B 110 -42.63 -9.99 -22.86
C PHE B 110 -44.13 -9.79 -22.73
N TRP B 111 -44.75 -9.39 -23.83
CA TRP B 111 -46.18 -9.08 -23.87
C TRP B 111 -46.87 -9.92 -24.93
N TYR B 112 -48.17 -10.11 -24.76
CA TYR B 112 -48.96 -10.86 -25.71
C TYR B 112 -50.43 -10.45 -25.59
N VAL B 113 -51.19 -10.81 -26.61
CA VAL B 113 -52.64 -10.58 -26.64
C VAL B 113 -53.33 -11.88 -26.28
N ASN B 114 -54.26 -11.81 -25.34
CA ASN B 114 -54.99 -12.98 -24.84
C ASN B 114 -56.48 -12.76 -25.05
N HIS B 115 -57.11 -13.68 -25.79
CA HIS B 115 -58.56 -13.71 -25.91
C HIS B 115 -59.10 -14.40 -24.67
N THR B 116 -59.32 -13.61 -23.62
CA THR B 116 -59.64 -14.16 -22.31
C THR B 116 -60.82 -15.12 -22.36
N LEU B 117 -61.78 -14.88 -23.25
CA LEU B 117 -62.96 -15.74 -23.33
C LEU B 117 -62.57 -17.16 -23.69
N SER B 118 -61.75 -17.34 -24.72
CA SER B 118 -61.38 -18.65 -25.21
C SER B 118 -60.02 -19.13 -24.69
N GLY B 119 -59.20 -18.24 -24.14
CA GLY B 119 -57.87 -18.59 -23.74
C GLY B 119 -56.84 -18.60 -24.85
N GLN B 120 -57.26 -18.38 -26.09
CA GLN B 120 -56.32 -18.27 -27.19
C GLN B 120 -55.51 -16.99 -27.05
N HIS B 121 -54.21 -17.07 -27.37
CA HIS B 121 -53.31 -15.95 -27.17
C HIS B 121 -52.19 -16.00 -28.20
N SER B 122 -51.58 -14.85 -28.44
CA SER B 122 -50.48 -14.77 -29.38
C SER B 122 -49.18 -15.27 -28.74
N LEU B 123 -48.18 -15.48 -29.57
CA LEU B 123 -46.84 -15.78 -29.08
C LEU B 123 -46.25 -14.54 -28.44
N PRO B 124 -45.83 -14.57 -27.18
CA PRO B 124 -45.33 -13.35 -26.55
C PRO B 124 -44.18 -12.73 -27.31
N ARG B 125 -44.15 -11.40 -27.34
CA ARG B 125 -43.10 -10.64 -27.98
C ARG B 125 -42.41 -9.78 -26.92
N CYS B 126 -41.21 -9.31 -27.25
CA CYS B 126 -40.40 -8.59 -26.28
C CYS B 126 -40.95 -7.18 -26.05
N TRP B 127 -41.05 -6.80 -24.78
CA TRP B 127 -41.32 -5.42 -24.41
C TRP B 127 -40.00 -4.67 -24.42
N LEU B 128 -39.82 -3.82 -25.44
CA LEU B 128 -38.52 -3.22 -25.68
C LEU B 128 -38.22 -2.11 -24.68
N ILE B 129 -36.94 -1.87 -24.46
CA ILE B 129 -36.48 -0.82 -23.57
C ILE B 129 -35.71 0.21 -24.38
N LYS B 130 -35.62 1.41 -23.83
CA LYS B 130 -34.80 2.48 -24.39
C LYS B 130 -34.39 3.39 -23.24
N ASN B 131 -33.11 3.72 -23.17
CA ASN B 131 -32.53 4.45 -22.05
C ASN B 131 -32.95 3.81 -20.73
N ASN B 132 -32.82 2.49 -20.67
CA ASN B 132 -33.06 1.69 -19.47
C ASN B 132 -34.50 1.79 -18.98
N SER B 133 -35.45 2.10 -19.86
CA SER B 133 -36.86 2.12 -19.51
C SER B 133 -37.67 1.38 -20.56
N TYR B 134 -38.62 0.57 -20.10
CA TYR B 134 -39.55 -0.08 -21.01
C TYR B 134 -40.37 0.97 -21.75
N LEU B 135 -40.54 0.76 -23.06
CA LEU B 135 -41.35 1.68 -23.84
C LEU B 135 -42.74 1.83 -23.24
N ASN B 136 -43.32 3.00 -23.41
CA ASN B 136 -44.73 3.18 -23.10
C ASN B 136 -45.57 2.37 -24.09
N ILE B 137 -46.73 1.91 -23.62
CA ILE B 137 -47.62 1.09 -24.44
C ILE B 137 -47.80 1.73 -25.82
N SER B 138 -48.25 2.98 -25.84
CA SER B 138 -48.58 3.64 -27.10
C SER B 138 -47.41 3.59 -28.08
N ASP B 139 -46.19 3.70 -27.57
CA ASP B 139 -45.02 3.79 -28.44
C ASP B 139 -44.80 2.54 -29.27
N PHE B 140 -45.48 1.43 -28.97
CA PHE B 140 -45.46 0.27 -29.86
C PHE B 140 -46.86 -0.27 -30.08
N ARG B 141 -47.86 0.62 -30.10
CA ARG B 141 -49.24 0.16 -30.23
C ARG B 141 -49.45 -0.63 -31.51
N ASN B 142 -48.89 -0.15 -32.62
CA ASN B 142 -49.03 -0.87 -33.89
C ASN B 142 -48.70 -2.34 -33.74
N ASP B 143 -47.77 -2.68 -32.82
CA ASP B 143 -47.47 -4.08 -32.58
C ASP B 143 -48.69 -4.82 -32.03
N TRP B 144 -49.16 -4.42 -30.84
CA TRP B 144 -50.22 -5.22 -30.23
C TRP B 144 -51.56 -5.05 -30.94
N ILE B 145 -51.71 -4.02 -31.77
CA ILE B 145 -52.83 -4.01 -32.71
C ILE B 145 -52.67 -5.15 -33.69
N LEU B 146 -51.55 -5.16 -34.43
CA LEU B 146 -51.33 -6.20 -35.43
C LEU B 146 -51.52 -7.58 -34.82
N GLU B 147 -50.82 -7.86 -33.72
CA GLU B 147 -50.93 -9.16 -33.08
C GLU B 147 -52.40 -9.51 -32.85
N SER B 148 -53.16 -8.58 -32.25
CA SER B 148 -54.57 -8.84 -31.99
C SER B 148 -55.25 -9.29 -33.27
N ASP B 149 -55.10 -8.50 -34.34
CA ASP B 149 -55.63 -8.90 -35.64
C ASP B 149 -55.27 -10.35 -35.94
N PHE B 150 -53.97 -10.65 -36.00
CA PHE B 150 -53.54 -12.01 -36.29
C PHE B 150 -54.30 -13.00 -35.40
N LEU B 151 -54.31 -12.75 -34.09
CA LEU B 151 -54.96 -13.68 -33.19
C LEU B 151 -56.38 -13.97 -33.64
N ILE B 152 -57.17 -12.92 -33.82
CA ILE B 152 -58.57 -13.11 -34.22
C ILE B 152 -58.62 -14.00 -35.45
N SER B 153 -57.81 -13.69 -36.46
CA SER B 153 -57.81 -14.51 -37.66
C SER B 153 -57.53 -15.96 -37.32
N GLU B 154 -56.44 -16.21 -36.59
CA GLU B 154 -56.14 -17.57 -36.15
C GLU B 154 -57.37 -18.22 -35.54
N MET B 155 -58.03 -17.51 -34.63
CA MET B 155 -59.20 -18.08 -33.96
C MET B 155 -60.24 -18.51 -34.98
N LEU B 156 -60.58 -17.62 -35.92
CA LEU B 156 -61.60 -17.96 -36.90
C LEU B 156 -61.09 -18.97 -37.92
N SER B 157 -59.78 -19.11 -38.06
CA SER B 157 -59.24 -20.19 -38.88
C SER B 157 -59.40 -21.55 -38.20
N LYS B 158 -59.63 -21.55 -36.89
CA LYS B 158 -59.90 -22.79 -36.16
C LYS B 158 -61.39 -23.11 -36.10
N GLU B 159 -62.25 -22.10 -36.25
CA GLU B 159 -63.69 -22.28 -36.20
C GLU B 159 -64.27 -22.33 -37.60
N GLY C 3 -12.50 -1.14 17.64
CA GLY C 3 -11.49 -0.84 18.70
C GLY C 3 -10.24 -0.16 18.15
N GLN C 4 -9.52 0.52 19.04
CA GLN C 4 -8.26 1.13 18.67
C GLN C 4 -7.33 0.11 18.03
N ILE C 5 -6.76 0.46 16.89
CA ILE C 5 -5.79 -0.42 16.22
C ILE C 5 -4.47 -0.34 16.96
N GLN C 6 -3.92 -1.50 17.32
CA GLN C 6 -2.70 -1.58 18.11
C GLN C 6 -1.76 -2.61 17.50
N LEU C 7 -0.47 -2.28 17.49
CA LEU C 7 0.62 -3.20 17.16
C LEU C 7 1.70 -3.00 18.21
N VAL C 8 1.96 -4.02 19.01
CA VAL C 8 2.92 -3.93 20.12
C VAL C 8 3.92 -5.07 20.00
N GLN C 9 5.21 -4.71 20.01
CA GLN C 9 6.29 -5.66 19.80
C GLN C 9 6.97 -6.03 21.12
N SER C 10 7.63 -7.18 21.11
CA SER C 10 8.38 -7.63 22.26
C SER C 10 9.38 -8.69 21.81
N VAL C 11 10.40 -8.91 22.64
CA VAL C 11 11.35 -10.00 22.44
C VAL C 11 10.85 -11.20 23.24
N GLU C 12 10.60 -12.31 22.54
CA GLU C 12 10.00 -13.48 23.19
C GLU C 12 10.87 -13.96 24.35
N THR C 13 12.12 -14.32 24.07
CA THR C 13 13.03 -14.87 25.06
C THR C 13 14.26 -13.99 25.18
N GLY C 14 14.63 -13.65 26.42
CA GLY C 14 15.80 -12.83 26.64
C GLY C 14 15.55 -11.38 26.26
N GLY C 15 16.66 -10.65 26.09
CA GLY C 15 16.61 -9.27 25.70
C GLY C 15 16.98 -9.07 24.25
N GLY C 16 17.06 -7.79 23.86
CA GLY C 16 17.46 -7.44 22.51
C GLY C 16 18.94 -7.47 22.26
N LEU C 17 19.75 -7.68 23.31
CA LEU C 17 21.20 -7.74 23.20
C LEU C 17 21.63 -9.20 23.10
N VAL C 18 22.25 -9.55 21.96
CA VAL C 18 22.63 -10.93 21.68
C VAL C 18 24.02 -10.93 21.04
N ARG C 19 24.65 -12.10 21.08
CA ARG C 19 25.99 -12.25 20.51
C ARG C 19 25.92 -12.87 19.12
N PRO C 20 26.84 -12.51 18.23
CA PRO C 20 26.77 -13.04 16.86
C PRO C 20 26.69 -14.56 16.85
N GLY C 21 25.89 -15.09 15.92
CA GLY C 21 25.62 -16.50 15.85
C GLY C 21 24.45 -16.97 16.69
N ASN C 22 23.94 -16.12 17.58
CA ASN C 22 22.80 -16.47 18.40
C ASN C 22 21.51 -16.31 17.61
N SER C 23 20.39 -16.66 18.25
CA SER C 23 19.07 -16.53 17.67
C SER C 23 18.21 -15.63 18.56
N LEU C 24 17.06 -15.22 18.01
CA LEU C 24 16.21 -14.25 18.68
C LEU C 24 14.86 -14.18 17.97
N LYS C 25 13.76 -14.26 18.71
CA LYS C 25 12.43 -14.21 18.13
C LYS C 25 11.75 -12.92 18.55
N LEU C 26 11.32 -12.13 17.58
CA LEU C 26 10.50 -10.95 17.81
C LEU C 26 9.04 -11.29 17.61
N SER C 27 8.17 -10.70 18.42
CA SER C 27 6.73 -10.89 18.34
C SER C 27 6.06 -9.53 18.13
N CYS C 28 4.88 -9.57 17.53
CA CYS C 28 4.09 -8.37 17.25
C CYS C 28 2.63 -8.77 17.42
N VAL C 29 2.04 -8.38 18.56
CA VAL C 29 0.66 -8.70 18.89
C VAL C 29 -0.21 -7.51 18.52
N THR C 30 -1.40 -7.77 17.99
CA THR C 30 -2.24 -6.74 17.44
C THR C 30 -3.66 -6.86 17.97
N SER C 31 -4.43 -5.79 17.78
CA SER C 31 -5.85 -5.78 18.10
C SER C 31 -6.50 -4.61 17.37
N GLY C 32 -7.82 -4.60 17.36
CA GLY C 32 -8.57 -3.54 16.73
C GLY C 32 -8.94 -3.77 15.29
N PHE C 33 -8.54 -4.90 14.70
CA PHE C 33 -8.88 -5.22 13.33
C PHE C 33 -8.81 -6.72 13.16
N THR C 34 -9.42 -7.21 12.07
CA THR C 34 -9.43 -8.63 11.77
C THR C 34 -8.05 -8.99 11.23
N PHE C 35 -7.17 -9.39 12.15
CA PHE C 35 -5.78 -9.66 11.81
C PHE C 35 -5.64 -10.59 10.61
N SER C 36 -6.50 -11.61 10.53
CA SER C 36 -6.37 -12.63 9.50
C SER C 36 -6.63 -12.12 8.09
N ASN C 37 -7.13 -10.88 7.94
CA ASN C 37 -7.42 -10.32 6.63
C ASN C 37 -6.31 -9.41 6.11
N TYR C 38 -5.20 -9.28 6.83
CA TYR C 38 -4.16 -8.33 6.47
C TYR C 38 -2.80 -9.02 6.40
N GLN C 39 -2.00 -8.58 5.43
CA GLN C 39 -0.61 -9.00 5.36
C GLN C 39 0.22 -8.19 6.35
N MET C 40 1.25 -8.82 6.90
CA MET C 40 2.08 -8.20 7.92
C MET C 40 3.54 -8.24 7.50
N HIS C 41 4.28 -7.19 7.86
CA HIS C 41 5.65 -7.02 7.44
C HIS C 41 6.56 -6.82 8.65
N TRP C 42 7.83 -7.16 8.45
CA TRP C 42 8.92 -6.80 9.33
C TRP C 42 9.94 -5.97 8.57
N LEU C 43 10.38 -4.88 9.20
CA LEU C 43 11.37 -3.97 8.66
C LEU C 43 12.38 -3.65 9.75
N ARG C 44 13.46 -2.98 9.39
CA ARG C 44 14.46 -2.58 10.38
C ARG C 44 15.14 -1.29 9.96
N GLN C 45 15.44 -0.47 10.96
CA GLN C 45 16.13 0.81 10.78
C GLN C 45 17.50 0.68 11.44
N PRO C 46 18.57 0.46 10.69
CA PRO C 46 19.89 0.34 11.31
C PRO C 46 20.43 1.70 11.73
N PRO C 47 21.39 1.74 12.64
CA PRO C 47 21.95 3.03 13.06
C PRO C 47 22.56 3.77 11.88
N GLY C 48 22.13 5.02 11.70
CA GLY C 48 22.68 5.85 10.65
C GLY C 48 22.42 5.36 9.24
N LYS C 49 21.43 4.49 9.05
CA LYS C 49 21.08 3.99 7.73
C LYS C 49 19.57 4.12 7.52
N ARG C 50 19.17 4.05 6.25
CA ARG C 50 17.77 4.22 5.92
C ARG C 50 16.96 2.99 6.31
N LEU C 51 15.66 3.19 6.45
CA LEU C 51 14.76 2.10 6.79
C LEU C 51 14.86 0.99 5.74
N GLU C 52 14.76 -0.26 6.20
CA GLU C 52 14.94 -1.43 5.35
C GLU C 52 13.76 -2.38 5.49
N TRP C 53 13.26 -2.87 4.37
CA TRP C 53 12.27 -3.93 4.36
C TRP C 53 12.96 -5.26 4.61
N ILE C 54 12.30 -6.13 5.39
CA ILE C 54 12.89 -7.43 5.73
C ILE C 54 12.02 -8.54 5.16
N ALA C 55 10.75 -8.58 5.55
CA ALA C 55 9.92 -9.71 5.14
C ALA C 55 8.46 -9.33 5.18
N VAL C 56 7.65 -10.13 4.48
CA VAL C 56 6.20 -9.99 4.46
C VAL C 56 5.58 -11.39 4.47
N ILE C 57 4.43 -11.50 5.13
CA ILE C 57 3.63 -12.72 5.12
C ILE C 57 2.19 -12.33 4.85
N THR C 58 1.54 -13.08 3.97
CA THR C 58 0.17 -12.81 3.53
C THR C 58 -0.80 -13.67 4.33
N VAL C 59 -2.03 -13.82 3.81
CA VAL C 59 -3.13 -14.40 4.57
C VAL C 59 -3.31 -15.88 4.23
N LYS C 60 -4.27 -16.52 4.91
CA LYS C 60 -4.48 -17.95 4.75
C LYS C 60 -4.96 -18.30 3.35
N SER C 61 -5.86 -17.48 2.78
CA SER C 61 -6.40 -17.77 1.46
C SER C 61 -5.31 -17.80 0.40
N ASP C 62 -4.13 -17.26 0.69
CA ASP C 62 -2.98 -17.37 -0.20
C ASP C 62 -1.87 -18.18 0.44
N ASN C 63 -2.24 -19.16 1.27
CA ASN C 63 -1.32 -20.17 1.80
C ASN C 63 -0.20 -19.55 2.64
N TYR C 64 -0.49 -18.44 3.31
CA TYR C 64 0.49 -17.81 4.21
C TYR C 64 1.82 -17.59 3.51
N GLY C 65 1.79 -17.35 2.20
CA GLY C 65 3.00 -17.10 1.43
C GLY C 65 3.85 -16.02 2.07
N ALA C 66 5.16 -16.13 1.90
CA ALA C 66 6.09 -15.18 2.50
C ALA C 66 7.12 -14.73 1.47
N ASN C 67 7.58 -13.49 1.62
CA ASN C 67 8.66 -12.97 0.80
C ASN C 67 9.70 -12.29 1.69
N TYR C 68 10.97 -12.42 1.30
CA TYR C 68 12.10 -11.95 2.08
C TYR C 68 13.04 -11.15 1.19
N VAL C 69 13.79 -10.25 1.82
CA VAL C 69 14.95 -9.67 1.15
C VAL C 69 16.08 -10.69 1.14
N GLU C 70 16.99 -10.52 0.17
CA GLU C 70 18.03 -11.52 -0.05
C GLU C 70 18.92 -11.68 1.19
N SER C 71 19.21 -10.58 1.88
CA SER C 71 20.20 -10.61 2.95
C SER C 71 19.77 -11.47 4.14
N VAL C 72 18.49 -11.80 4.25
CA VAL C 72 17.99 -12.64 5.35
C VAL C 72 17.48 -13.99 4.88
N LYS C 73 17.34 -14.20 3.56
CA LYS C 73 16.82 -15.46 3.07
C LYS C 73 17.70 -16.60 3.55
N GLY C 74 17.09 -17.57 4.23
CA GLY C 74 17.81 -18.67 4.83
C GLY C 74 18.24 -18.44 6.27
N ARG C 75 18.09 -17.22 6.78
CA ARG C 75 18.41 -16.91 8.17
C ARG C 75 17.17 -16.54 8.98
N PHE C 76 16.32 -15.65 8.46
CA PHE C 76 15.12 -15.23 9.15
C PHE C 76 13.90 -15.99 8.62
N ALA C 77 12.90 -16.11 9.48
CA ALA C 77 11.63 -16.75 9.12
C ALA C 77 10.51 -15.92 9.71
N ILE C 78 9.66 -15.39 8.83
CA ILE C 78 8.44 -14.71 9.25
C ILE C 78 7.33 -15.73 9.37
N SER C 79 6.46 -15.54 10.35
CA SER C 79 5.35 -16.46 10.56
C SER C 79 4.22 -15.69 11.23
N ARG C 80 3.05 -16.32 11.32
CA ARG C 80 1.92 -15.67 11.95
C ARG C 80 1.05 -16.70 12.65
N ASP C 81 0.33 -16.22 13.66
CA ASP C 81 -0.67 -16.99 14.39
C ASP C 81 -1.94 -16.13 14.38
N ASP C 82 -2.89 -16.49 13.53
CA ASP C 82 -4.13 -15.74 13.40
C ASP C 82 -4.98 -15.86 14.66
N SER C 83 -4.95 -17.01 15.32
CA SER C 83 -5.73 -17.18 16.54
C SER C 83 -5.25 -16.28 17.67
N LYS C 84 -4.02 -15.77 17.58
CA LYS C 84 -3.48 -14.84 18.56
C LYS C 84 -3.24 -13.45 17.96
N SER C 85 -3.66 -13.23 16.72
CA SER C 85 -3.53 -11.94 16.06
C SER C 85 -2.08 -11.45 16.07
N SER C 86 -1.14 -12.39 15.92
CA SER C 86 0.27 -12.07 16.12
C SER C 86 1.10 -12.47 14.91
N VAL C 87 2.15 -11.69 14.66
CA VAL C 87 3.15 -12.03 13.64
C VAL C 87 4.52 -12.07 14.31
N TYR C 88 5.37 -12.99 13.84
CA TYR C 88 6.65 -13.28 14.47
C TYR C 88 7.77 -13.26 13.44
N LEU C 89 8.96 -12.90 13.92
CA LEU C 89 10.18 -12.93 13.12
C LEU C 89 11.25 -13.69 13.91
N GLU C 90 11.56 -14.90 13.45
CA GLU C 90 12.61 -15.70 14.04
C GLU C 90 13.92 -15.42 13.30
N MET C 91 14.91 -14.89 14.01
CA MET C 91 16.20 -14.51 13.44
C MET C 91 17.27 -15.46 13.97
N ASN C 92 17.85 -16.25 13.08
CA ASN C 92 18.96 -17.14 13.40
C ASN C 92 20.23 -16.61 12.77
N ARG C 93 21.35 -17.20 13.18
CA ARG C 93 22.66 -16.87 12.61
C ARG C 93 22.88 -15.36 12.60
N LEU C 94 22.58 -14.72 13.73
CA LEU C 94 22.66 -13.27 13.81
C LEU C 94 24.09 -12.79 13.67
N ARG C 95 24.27 -11.70 12.93
CA ARG C 95 25.56 -11.04 12.80
C ARG C 95 25.42 -9.57 13.15
N GLU C 96 26.56 -8.92 13.36
CA GLU C 96 26.56 -7.54 13.85
C GLU C 96 25.84 -6.60 12.89
N GLU C 97 25.77 -6.94 11.60
CA GLU C 97 25.03 -6.11 10.65
C GLU C 97 23.53 -6.16 10.88
N ASP C 98 23.04 -7.07 11.73
CA ASP C 98 21.62 -7.15 12.04
C ASP C 98 21.21 -6.20 13.16
N THR C 99 22.13 -5.36 13.66
CA THR C 99 21.81 -4.42 14.72
C THR C 99 20.95 -3.29 14.17
N ALA C 100 19.79 -3.07 14.78
CA ALA C 100 18.85 -2.07 14.27
C ALA C 100 17.63 -2.03 15.18
N THR C 101 16.76 -1.04 14.91
CA THR C 101 15.43 -1.00 15.51
C THR C 101 14.46 -1.69 14.57
N TYR C 102 13.92 -2.83 14.99
CA TYR C 102 13.00 -3.60 14.17
C TYR C 102 11.56 -3.17 14.39
N PHE C 103 10.80 -3.09 13.30
CA PHE C 103 9.41 -2.69 13.33
C PHE C 103 8.56 -3.77 12.66
N CYS C 104 7.39 -4.03 13.22
CA CYS C 104 6.34 -4.73 12.50
C CYS C 104 5.38 -3.71 11.93
N SER C 105 4.73 -4.07 10.82
CA SER C 105 3.87 -3.12 10.13
C SER C 105 2.72 -3.86 9.47
N ARG C 106 1.65 -3.12 9.22
CA ARG C 106 0.50 -3.60 8.48
C ARG C 106 0.39 -2.83 7.17
N SER C 107 0.00 -3.54 6.11
CA SER C 107 -0.35 -2.92 4.84
C SER C 107 -1.77 -3.34 4.49
N GLY C 108 -2.49 -2.44 3.84
CA GLY C 108 -3.86 -2.71 3.47
C GLY C 108 -4.13 -2.51 2.00
N ILE C 109 -5.23 -1.82 1.70
CA ILE C 109 -5.68 -1.58 0.34
C ILE C 109 -5.74 -0.07 0.12
N TYR C 110 -5.24 0.38 -1.03
CA TYR C 110 -4.99 1.78 -1.27
C TYR C 110 -5.59 2.19 -2.61
N ASP C 111 -6.51 3.15 -2.57
CA ASP C 111 -7.27 3.57 -3.74
C ASP C 111 -7.84 2.37 -4.49
N GLY C 112 -8.24 1.34 -3.74
CA GLY C 112 -8.88 0.17 -4.29
C GLY C 112 -7.96 -0.95 -4.68
N TYR C 113 -6.65 -0.83 -4.45
CA TYR C 113 -5.68 -1.82 -4.89
C TYR C 113 -4.73 -2.17 -3.74
N TYR C 114 -4.42 -3.45 -3.63
CA TYR C 114 -3.49 -3.90 -2.60
C TYR C 114 -2.08 -3.44 -2.94
N ALA C 115 -1.39 -2.90 -1.95
CA ALA C 115 -0.03 -2.41 -2.11
C ALA C 115 0.62 -2.32 -0.74
N TYR C 116 1.95 -2.34 -0.74
CA TYR C 116 2.71 -2.45 0.50
C TYR C 116 3.15 -1.09 1.04
N ALA C 117 2.25 -0.12 1.03
CA ALA C 117 2.37 1.03 1.91
C ALA C 117 1.90 0.63 3.30
N MET C 118 2.59 1.13 4.32
CA MET C 118 2.41 0.66 5.70
C MET C 118 1.53 1.66 6.45
N ASP C 119 0.29 1.26 6.72
CA ASP C 119 -0.64 2.18 7.38
C ASP C 119 -0.61 2.08 8.90
N TYR C 120 -0.03 1.03 9.47
CA TYR C 120 0.16 0.95 10.92
C TYR C 120 1.47 0.25 11.23
N TRP C 121 2.13 0.71 12.30
CA TRP C 121 3.44 0.22 12.70
C TRP C 121 3.44 -0.11 14.18
N GLY C 122 4.31 -1.04 14.58
CA GLY C 122 4.61 -1.26 15.98
C GLY C 122 5.55 -0.20 16.51
N GLN C 123 5.80 -0.27 17.82
CA GLN C 123 6.56 0.80 18.47
C GLN C 123 8.06 0.69 18.27
N GLY C 124 8.56 -0.43 17.77
CA GLY C 124 9.99 -0.61 17.60
C GLY C 124 10.60 -1.47 18.69
N THR C 125 11.57 -2.30 18.31
CA THR C 125 12.30 -3.16 19.24
C THR C 125 13.78 -3.06 18.91
N SER C 126 14.57 -2.58 19.87
CA SER C 126 16.00 -2.39 19.65
C SER C 126 16.71 -3.73 19.74
N VAL C 127 17.53 -4.04 18.73
CA VAL C 127 18.30 -5.26 18.68
C VAL C 127 19.76 -4.88 18.43
N THR C 128 20.64 -5.36 19.30
CA THR C 128 22.08 -5.09 19.21
C THR C 128 22.80 -6.44 19.20
N VAL C 129 23.43 -6.76 18.08
CA VAL C 129 24.22 -7.97 17.93
C VAL C 129 25.68 -7.58 18.15
N SER C 130 26.26 -8.03 19.26
CA SER C 130 27.61 -7.63 19.63
C SER C 130 28.26 -8.73 20.46
N SER C 131 29.55 -8.94 20.24
CA SER C 131 30.35 -9.82 21.07
C SER C 131 30.99 -9.09 22.25
N ALA C 132 30.77 -7.78 22.36
CA ALA C 132 31.34 -7.02 23.46
C ALA C 132 30.74 -7.45 24.79
N THR C 133 31.57 -7.50 25.82
CA THR C 133 31.12 -7.83 27.17
C THR C 133 30.78 -6.56 27.93
N THR C 134 29.87 -6.70 28.89
CA THR C 134 29.44 -5.55 29.68
C THR C 134 30.63 -4.95 30.43
N LYS C 135 30.69 -3.62 30.46
CA LYS C 135 31.72 -2.92 31.21
C LYS C 135 31.15 -1.60 31.73
N GLY C 136 31.51 -1.26 32.96
CA GLY C 136 31.11 -0.01 33.55
C GLY C 136 31.97 1.13 33.04
N PRO C 137 31.44 2.34 33.05
CA PRO C 137 32.19 3.48 32.51
C PRO C 137 33.24 4.01 33.47
N SER C 138 34.34 4.48 32.89
CA SER C 138 35.29 5.31 33.61
C SER C 138 34.85 6.76 33.48
N VAL C 139 34.65 7.43 34.60
CA VAL C 139 34.14 8.80 34.64
C VAL C 139 35.29 9.71 35.02
N TYR C 140 35.55 10.70 34.16
CA TYR C 140 36.65 11.63 34.33
C TYR C 140 36.12 13.05 34.39
N PRO C 141 36.56 13.86 35.35
CA PRO C 141 36.12 15.26 35.40
C PRO C 141 36.84 16.10 34.35
N LEU C 142 36.17 17.18 33.94
CA LEU C 142 36.68 18.09 32.92
C LEU C 142 36.55 19.50 33.48
N ALA C 143 37.63 19.99 34.09
CA ALA C 143 37.70 21.34 34.61
C ALA C 143 38.62 22.20 33.76
N PRO C 144 38.36 23.50 33.64
CA PRO C 144 39.20 24.34 32.79
C PRO C 144 40.62 24.45 33.32
N GLY C 145 41.54 24.70 32.40
CA GLY C 145 42.94 24.89 32.75
C GLY C 145 43.29 26.36 32.96
N SER C 152 32.19 35.18 33.69
CA SER C 152 30.76 35.31 33.95
C SER C 152 30.12 33.93 34.07
N MET C 153 30.01 33.22 32.95
CA MET C 153 29.55 31.84 32.92
C MET C 153 30.74 30.92 32.70
N VAL C 154 30.76 29.79 33.38
CA VAL C 154 31.84 28.82 33.29
C VAL C 154 31.26 27.47 32.90
N THR C 155 31.97 26.76 32.02
CA THR C 155 31.55 25.46 31.53
C THR C 155 32.46 24.37 32.09
N LEU C 156 31.85 23.29 32.58
CA LEU C 156 32.55 22.13 33.11
C LEU C 156 32.04 20.90 32.39
N GLY C 157 32.69 19.76 32.63
CA GLY C 157 32.34 18.56 31.89
C GLY C 157 32.62 17.27 32.63
N CYS C 158 32.10 16.20 32.03
CA CYS C 158 32.16 14.85 32.59
C CYS C 158 32.31 13.89 31.41
N LEU C 159 33.39 13.12 31.40
CA LEU C 159 33.70 12.20 30.30
C LEU C 159 33.41 10.78 30.77
N VAL C 160 32.50 10.11 30.07
CA VAL C 160 32.07 8.76 30.43
C VAL C 160 32.59 7.84 29.32
N LYS C 161 33.68 7.12 29.60
CA LYS C 161 34.43 6.40 28.57
C LYS C 161 34.44 4.91 28.86
N GLY C 162 34.36 4.10 27.80
CA GLY C 162 34.63 2.69 27.90
C GLY C 162 33.58 1.89 28.65
N TYR C 163 32.32 2.00 28.21
CA TYR C 163 31.24 1.24 28.80
C TYR C 163 30.45 0.53 27.71
N PHE C 164 29.75 -0.52 28.13
CA PHE C 164 28.88 -1.31 27.26
C PHE C 164 27.96 -2.16 28.12
N PRO C 165 26.69 -2.34 27.76
CA PRO C 165 25.97 -1.72 26.64
C PRO C 165 25.37 -0.38 27.04
N GLU C 166 24.69 0.29 26.11
CA GLU C 166 23.88 1.44 26.49
C GLU C 166 22.62 0.94 27.19
N PRO C 167 21.92 1.83 27.92
CA PRO C 167 22.15 3.26 28.11
C PRO C 167 23.01 3.61 29.31
N VAL C 168 23.26 4.90 29.47
CA VAL C 168 23.88 5.47 30.67
C VAL C 168 23.18 6.79 30.94
N THR C 169 22.85 7.05 32.20
CA THR C 169 22.19 8.29 32.58
C THR C 169 23.17 9.21 33.28
N VAL C 170 23.15 10.49 32.90
CA VAL C 170 24.07 11.49 33.42
C VAL C 170 23.26 12.66 33.92
N THR C 171 23.48 13.03 35.18
CA THR C 171 22.85 14.21 35.78
C THR C 171 23.95 15.08 36.40
N TRP C 172 23.58 16.32 36.71
CA TRP C 172 24.49 17.26 37.35
C TRP C 172 23.85 17.77 38.64
N ASN C 173 24.51 17.50 39.77
CA ASN C 173 23.94 17.80 41.08
C ASN C 173 22.53 17.22 41.19
N SER C 174 22.38 15.97 40.74
CA SER C 174 21.12 15.25 40.81
C SER C 174 19.98 16.02 40.13
N GLY C 175 20.30 16.76 39.07
CA GLY C 175 19.32 17.46 38.29
C GLY C 175 19.21 18.94 38.59
N SER C 176 19.78 19.41 39.70
CA SER C 176 19.64 20.81 40.08
C SER C 176 20.13 21.77 39.00
N LEU C 177 21.03 21.32 38.12
CA LEU C 177 21.67 22.17 37.13
C LEU C 177 21.23 21.83 35.71
N SER C 178 20.12 21.11 35.54
CA SER C 178 19.70 20.67 34.22
C SER C 178 19.48 21.82 33.24
N SER C 179 19.41 23.06 33.72
CA SER C 179 19.08 24.18 32.83
C SER C 179 20.12 24.32 31.73
N GLY C 180 21.40 24.27 32.07
CA GLY C 180 22.46 24.48 31.10
C GLY C 180 23.30 23.25 30.83
N VAL C 181 22.66 22.09 30.72
CA VAL C 181 23.36 20.83 30.52
C VAL C 181 23.21 20.39 29.07
N HIS C 182 24.31 19.91 28.50
CA HIS C 182 24.33 19.26 27.19
C HIS C 182 24.94 17.88 27.35
N THR C 183 24.12 16.85 27.26
CA THR C 183 24.61 15.48 27.22
C THR C 183 24.59 15.00 25.77
N PHE C 184 25.74 14.54 25.30
CA PHE C 184 25.86 14.24 23.88
C PHE C 184 25.65 12.76 23.60
N PRO C 185 25.19 12.41 22.41
CA PRO C 185 24.99 10.98 22.07
C PRO C 185 26.30 10.21 22.18
N ALA C 186 26.20 8.99 22.68
CA ALA C 186 27.37 8.13 22.81
C ALA C 186 27.90 7.74 21.44
N VAL C 187 29.21 7.53 21.37
CA VAL C 187 29.89 7.10 20.16
C VAL C 187 30.64 5.81 20.46
N LEU C 188 30.65 4.89 19.49
CA LEU C 188 31.22 3.57 19.67
C LEU C 188 32.64 3.54 19.14
N GLN C 189 33.56 3.06 19.97
CA GLN C 189 34.95 2.86 19.58
C GLN C 189 35.49 1.66 20.35
N SER C 190 36.23 0.80 19.65
CA SER C 190 36.83 -0.39 20.27
C SER C 190 35.76 -1.24 20.97
N ASP C 191 34.57 -1.28 20.38
CA ASP C 191 33.45 -2.03 20.94
C ASP C 191 33.10 -1.55 22.36
N LEU C 192 33.15 -0.23 22.55
CA LEU C 192 32.79 0.37 23.83
C LEU C 192 32.26 1.78 23.57
N TYR C 193 31.33 2.21 24.41
CA TYR C 193 30.70 3.51 24.23
C TYR C 193 31.44 4.59 25.01
N THR C 194 31.43 5.80 24.44
CA THR C 194 32.03 6.96 25.09
C THR C 194 31.15 8.17 24.81
N LEU C 195 30.85 8.93 25.86
CA LEU C 195 30.07 10.15 25.72
C LEU C 195 30.65 11.23 26.63
N SER C 196 30.16 12.44 26.43
CA SER C 196 30.58 13.60 27.22
C SER C 196 29.35 14.40 27.60
N SER C 197 29.44 15.06 28.75
CA SER C 197 28.36 15.94 29.22
C SER C 197 28.97 17.25 29.70
N SER C 198 28.42 18.36 29.23
CA SER C 198 28.86 19.69 29.63
C SER C 198 27.77 20.36 30.45
N VAL C 199 28.18 21.24 31.36
CA VAL C 199 27.27 22.02 32.17
C VAL C 199 27.81 23.44 32.29
N THR C 200 26.95 24.43 32.08
CA THR C 200 27.32 25.83 32.16
C THR C 200 26.62 26.46 33.37
N VAL C 201 27.42 27.00 34.30
CA VAL C 201 26.89 27.59 35.52
C VAL C 201 27.45 28.99 35.68
N PRO C 202 26.81 29.82 36.49
CA PRO C 202 27.39 31.14 36.78
C PRO C 202 28.73 31.01 37.48
N SER C 203 29.64 31.94 37.16
CA SER C 203 30.94 31.95 37.83
C SER C 203 30.80 32.03 39.35
N SER C 204 29.69 32.58 39.85
CA SER C 204 29.46 32.63 41.29
C SER C 204 29.13 31.25 41.87
N THR C 205 28.74 30.30 41.03
CA THR C 205 28.38 28.96 41.49
C THR C 205 29.59 28.05 41.63
N TRP C 206 30.51 28.08 40.67
CA TRP C 206 31.70 27.26 40.70
C TRP C 206 32.94 28.15 40.63
N PRO C 207 34.00 27.82 41.39
CA PRO C 207 34.19 26.67 42.27
C PRO C 207 33.74 26.87 43.71
N SER C 208 33.10 27.98 44.05
CA SER C 208 32.66 28.20 45.42
C SER C 208 31.74 27.08 45.89
N GLN C 209 30.88 26.58 45.01
CA GLN C 209 29.96 25.51 45.32
C GLN C 209 30.36 24.22 44.61
N THR C 210 29.89 23.10 45.15
CA THR C 210 30.23 21.79 44.63
C THR C 210 29.41 21.49 43.38
N VAL C 211 30.11 21.18 42.28
CA VAL C 211 29.47 20.73 41.03
C VAL C 211 29.92 19.30 40.80
N THR C 212 28.95 18.39 40.68
CA THR C 212 29.21 16.97 40.58
C THR C 212 28.37 16.36 39.45
N CYS C 213 29.00 15.49 38.66
CA CYS C 213 28.28 14.70 37.67
C CYS C 213 28.01 13.32 38.22
N ASN C 214 26.77 12.87 38.09
CA ASN C 214 26.32 11.56 38.54
C ASN C 214 26.03 10.71 37.32
N VAL C 215 26.79 9.63 37.15
CA VAL C 215 26.69 8.75 36.00
C VAL C 215 26.27 7.37 36.49
N ALA C 216 25.18 6.85 35.93
CA ALA C 216 24.67 5.53 36.28
C ALA C 216 24.63 4.67 35.04
N HIS C 217 25.23 3.48 35.14
CA HIS C 217 25.22 2.45 34.10
C HIS C 217 24.52 1.23 34.68
N PRO C 218 23.22 1.05 34.44
CA PRO C 218 22.51 -0.05 35.11
C PRO C 218 23.01 -1.44 34.76
N ALA C 219 23.43 -1.65 33.50
CA ALA C 219 23.83 -2.99 33.08
C ALA C 219 24.89 -3.57 34.00
N SER C 220 25.96 -2.81 34.25
CA SER C 220 27.01 -3.23 35.16
C SER C 220 26.73 -2.83 36.60
N SER C 221 25.52 -2.34 36.89
CA SER C 221 25.16 -1.85 38.22
C SER C 221 26.26 -0.92 38.76
N THR C 222 26.54 0.12 37.98
CA THR C 222 27.56 1.10 38.32
C THR C 222 26.91 2.45 38.60
N LYS C 223 27.32 3.09 39.68
CA LYS C 223 26.88 4.44 40.01
C LYS C 223 28.08 5.22 40.51
N VAL C 224 28.48 6.24 39.76
CA VAL C 224 29.67 7.03 40.07
C VAL C 224 29.27 8.49 40.19
N ASP C 225 29.89 9.18 41.15
CA ASP C 225 29.72 10.61 41.34
C ASP C 225 31.10 11.25 41.30
N LYS C 226 31.32 12.16 40.35
CA LYS C 226 32.61 12.82 40.19
C LYS C 226 32.43 14.31 40.39
N LYS C 227 33.07 14.86 41.41
CA LYS C 227 33.08 16.29 41.65
C LYS C 227 34.09 16.96 40.74
N ILE C 228 33.74 18.13 40.22
CA ILE C 228 34.63 18.90 39.36
C ILE C 228 35.43 19.81 40.27
N VAL C 229 36.65 19.40 40.61
CA VAL C 229 37.52 20.18 41.48
C VAL C 229 38.40 21.07 40.61
N PRO C 230 38.73 22.29 41.05
CA PRO C 230 39.55 23.17 40.21
C PRO C 230 40.94 22.59 39.99
N ARG C 231 41.56 23.01 38.89
CA ARG C 231 42.92 22.58 38.57
C ARG C 231 43.94 23.47 39.26
N GLY D 3 20.53 -4.43 -7.45
CA GLY D 3 19.41 -4.10 -8.39
C GLY D 3 18.29 -3.33 -7.71
N SER D 4 18.38 -3.18 -6.40
CA SER D 4 17.37 -2.46 -5.64
C SER D 4 17.16 -1.06 -6.21
N VAL D 5 15.93 -0.58 -6.12
CA VAL D 5 15.64 0.81 -6.48
C VAL D 5 16.13 1.71 -5.35
N VAL D 6 17.01 2.64 -5.69
CA VAL D 6 17.49 3.63 -4.73
C VAL D 6 16.53 4.80 -4.70
N MET D 7 16.06 5.14 -3.51
CA MET D 7 15.26 6.34 -3.30
C MET D 7 16.17 7.40 -2.71
N THR D 8 16.51 8.41 -3.52
CA THR D 8 17.51 9.40 -3.18
C THR D 8 16.84 10.65 -2.63
N GLN D 9 17.18 11.03 -1.41
CA GLN D 9 16.80 12.31 -0.82
C GLN D 9 18.11 13.03 -0.51
N SER D 10 18.51 13.93 -1.41
CA SER D 10 19.84 14.53 -1.33
C SER D 10 19.95 15.57 -0.22
N GLN D 11 18.85 16.20 0.18
CA GLN D 11 18.87 17.21 1.22
C GLN D 11 18.52 16.55 2.54
N LYS D 12 19.54 16.31 3.37
CA LYS D 12 19.33 15.62 4.63
C LYS D 12 18.68 16.50 5.68
N PHE D 13 18.86 17.82 5.58
CA PHE D 13 18.33 18.77 6.55
C PHE D 13 17.71 19.95 5.82
N MET D 14 16.56 20.41 6.33
CA MET D 14 15.85 21.52 5.72
C MET D 14 15.28 22.40 6.81
N SER D 15 15.49 23.70 6.69
CA SER D 15 15.04 24.67 7.69
C SER D 15 13.81 25.40 7.19
N THR D 16 12.95 25.76 8.15
CA THR D 16 11.70 26.43 7.83
C THR D 16 11.25 27.23 9.05
N SER D 17 10.27 28.10 8.82
CA SER D 17 9.61 28.85 9.89
C SER D 17 8.14 28.45 9.92
N VAL D 18 7.54 28.50 11.11
CA VAL D 18 6.12 28.20 11.23
C VAL D 18 5.35 29.08 10.27
N GLY D 19 4.40 28.48 9.55
CA GLY D 19 3.60 29.19 8.58
C GLY D 19 4.17 29.17 7.17
N ASP D 20 5.40 28.74 6.98
CA ASP D 20 5.99 28.69 5.65
C ASP D 20 5.46 27.50 4.87
N ARG D 21 5.85 27.43 3.60
CA ARG D 21 5.62 26.27 2.75
C ARG D 21 6.96 25.65 2.41
N VAL D 22 7.06 24.33 2.54
CA VAL D 22 8.31 23.61 2.34
C VAL D 22 8.06 22.43 1.42
N SER D 23 9.10 22.06 0.66
CA SER D 23 9.04 20.95 -0.28
C SER D 23 10.21 20.02 -0.05
N ILE D 24 9.93 18.73 0.06
CA ILE D 24 10.91 17.69 0.28
C ILE D 24 10.88 16.76 -0.92
N THR D 25 12.03 16.54 -1.54
CA THR D 25 12.10 15.87 -2.83
C THR D 25 12.65 14.45 -2.68
N CYS D 26 12.35 13.63 -3.67
CA CYS D 26 12.74 12.23 -3.70
C CYS D 26 12.92 11.84 -5.16
N LYS D 27 14.06 11.24 -5.49
CA LYS D 27 14.34 10.79 -6.84
C LYS D 27 14.65 9.30 -6.81
N ALA D 28 13.82 8.51 -7.48
CA ALA D 28 14.06 7.07 -7.58
C ALA D 28 15.04 6.79 -8.71
N SER D 29 15.90 5.80 -8.49
CA SER D 29 16.89 5.43 -9.49
C SER D 29 16.29 4.64 -10.64
N GLN D 30 15.05 4.17 -10.49
CA GLN D 30 14.31 3.51 -11.56
C GLN D 30 12.92 4.13 -11.64
N ILE D 31 12.27 3.94 -12.79
CA ILE D 31 10.90 4.39 -12.96
C ILE D 31 9.98 3.53 -12.09
N VAL D 32 9.16 4.18 -11.26
CA VAL D 32 8.25 3.46 -10.37
C VAL D 32 6.84 4.02 -10.51
N GLY D 33 6.57 4.75 -11.59
CA GLY D 33 5.22 5.21 -11.83
C GLY D 33 4.77 6.16 -10.74
N THR D 34 3.63 5.84 -10.12
CA THR D 34 3.14 6.55 -8.94
C THR D 34 3.13 5.65 -7.72
N SER D 35 3.86 4.54 -7.75
CA SER D 35 3.87 3.55 -6.67
C SER D 35 4.77 4.03 -5.52
N VAL D 36 4.45 5.21 -4.99
CA VAL D 36 5.28 5.87 -3.99
C VAL D 36 4.44 6.26 -2.80
N ALA D 37 5.01 6.08 -1.61
CA ALA D 37 4.42 6.52 -0.35
C ALA D 37 5.35 7.51 0.34
N TRP D 38 4.77 8.33 1.21
CA TRP D 38 5.52 9.28 2.04
C TRP D 38 5.14 9.08 3.50
N TYR D 39 6.17 9.13 4.37
CA TYR D 39 6.04 8.88 5.79
C TYR D 39 6.70 9.98 6.60
N GLN D 40 6.17 10.20 7.80
CA GLN D 40 6.74 11.07 8.82
C GLN D 40 7.25 10.22 9.97
N GLN D 41 8.36 10.65 10.57
CA GLN D 41 8.93 9.93 11.71
C GLN D 41 9.61 10.91 12.65
N LYS D 42 9.42 10.71 13.94
CA LYS D 42 10.03 11.53 14.99
C LYS D 42 10.83 10.65 15.92
N ALA D 43 11.99 11.14 16.35
CA ALA D 43 12.79 10.50 17.39
C ALA D 43 12.99 9.01 17.11
N GLY D 44 13.10 8.64 15.85
CA GLY D 44 13.24 7.24 15.49
C GLY D 44 12.11 6.35 16.00
N GLN D 45 10.93 6.93 16.21
CA GLN D 45 9.78 6.16 16.69
C GLN D 45 9.02 5.60 15.49
N SER D 46 7.84 5.05 15.75
CA SER D 46 7.05 4.44 14.69
C SER D 46 6.73 5.47 13.61
N PRO D 47 7.02 5.19 12.34
CA PRO D 47 6.62 6.12 11.28
C PRO D 47 5.11 6.22 11.15
N LYS D 48 4.66 7.30 10.52
CA LYS D 48 3.25 7.52 10.22
C LYS D 48 3.09 7.67 8.72
N LEU D 49 2.15 6.93 8.14
CA LEU D 49 1.87 7.05 6.72
C LEU D 49 1.23 8.40 6.42
N LEU D 50 1.77 9.09 5.42
CA LEU D 50 1.26 10.38 4.98
C LEU D 50 0.60 10.29 3.61
N ILE D 51 1.30 9.70 2.64
CA ILE D 51 0.85 9.71 1.25
C ILE D 51 1.03 8.32 0.67
N TYR D 52 0.12 7.96 -0.25
CA TYR D 52 0.29 6.76 -1.06
C TYR D 52 -0.19 7.03 -2.48
N TRP D 53 0.19 6.11 -3.38
CA TRP D 53 0.06 6.32 -4.82
C TRP D 53 0.52 7.73 -5.20
N ALA D 54 1.54 8.23 -4.50
CA ALA D 54 2.27 9.44 -4.87
C ALA D 54 1.54 10.73 -4.48
N SER D 55 0.20 10.76 -4.60
CA SER D 55 -0.54 11.99 -4.40
C SER D 55 -1.77 11.86 -3.50
N THR D 56 -2.10 10.67 -3.03
CA THR D 56 -3.31 10.47 -2.24
C THR D 56 -3.00 10.66 -0.76
N ARG D 57 -3.75 11.56 -0.11
CA ARG D 57 -3.55 11.83 1.31
C ARG D 57 -4.20 10.74 2.14
N HIS D 58 -3.46 10.24 3.13
CA HIS D 58 -3.97 9.21 4.02
C HIS D 58 -4.98 9.80 5.00
N THR D 59 -5.98 9.01 5.34
CA THR D 59 -7.00 9.47 6.28
C THR D 59 -6.35 9.87 7.60
N GLY D 60 -6.80 11.00 8.15
CA GLY D 60 -6.27 11.51 9.39
C GLY D 60 -5.06 12.42 9.25
N VAL D 61 -4.54 12.59 8.03
CA VAL D 61 -3.39 13.46 7.81
C VAL D 61 -3.90 14.87 7.58
N PRO D 62 -3.34 15.89 8.23
CA PRO D 62 -3.77 17.27 7.96
C PRO D 62 -3.68 17.58 6.48
N ASP D 63 -4.50 18.53 6.04
CA ASP D 63 -4.47 18.97 4.65
C ASP D 63 -3.33 19.93 4.36
N ARG D 64 -2.45 20.19 5.35
CA ARG D 64 -1.20 20.86 5.07
C ARG D 64 -0.33 20.01 4.16
N PHE D 65 -0.50 18.70 4.20
CA PHE D 65 0.36 17.77 3.47
C PHE D 65 -0.26 17.46 2.12
N THR D 66 0.51 17.69 1.06
CA THR D 66 0.15 17.25 -0.29
C THR D 66 1.40 16.63 -0.90
N ALA D 67 1.21 15.92 -2.01
CA ALA D 67 2.37 15.35 -2.68
C ALA D 67 2.01 15.08 -4.13
N GLY D 68 3.04 14.98 -4.96
CA GLY D 68 2.84 14.69 -6.36
C GLY D 68 4.11 14.16 -6.99
N GLY D 69 4.02 13.92 -8.29
CA GLY D 69 5.15 13.44 -9.07
C GLY D 69 4.87 12.08 -9.66
N SER D 70 5.83 11.62 -10.45
CA SER D 70 5.69 10.34 -11.15
C SER D 70 7.05 9.93 -11.70
N GLY D 71 7.07 8.79 -12.38
CA GLY D 71 8.29 8.26 -12.93
C GLY D 71 9.37 8.10 -11.87
N THR D 72 10.23 9.10 -11.77
CA THR D 72 11.33 9.10 -10.81
C THR D 72 11.25 10.24 -9.80
N ASP D 73 10.52 11.31 -10.10
CA ASP D 73 10.58 12.55 -9.32
C ASP D 73 9.30 12.67 -8.50
N PHE D 74 9.46 12.80 -7.19
CA PHE D 74 8.33 12.88 -6.27
C PHE D 74 8.60 13.98 -5.25
N THR D 75 7.55 14.72 -4.90
CA THR D 75 7.68 15.88 -4.04
C THR D 75 6.56 15.90 -3.01
N LEU D 76 6.95 16.00 -1.73
CA LEU D 76 6.03 16.19 -0.63
C LEU D 76 6.06 17.66 -0.20
N THR D 77 4.90 18.31 -0.18
CA THR D 77 4.81 19.71 0.16
C THR D 77 4.00 19.88 1.44
N ILE D 78 4.53 20.66 2.37
CA ILE D 78 3.86 20.99 3.62
C ILE D 78 3.61 22.49 3.60
N THR D 79 2.33 22.86 3.58
CA THR D 79 1.92 24.26 3.58
C THR D 79 1.51 24.67 5.00
N ASN D 80 1.76 25.94 5.32
CA ASN D 80 1.48 26.48 6.65
C ASN D 80 2.10 25.59 7.72
N VAL D 81 3.41 25.39 7.61
CA VAL D 81 4.13 24.48 8.49
C VAL D 81 3.82 24.81 9.94
N GLN D 82 3.52 23.79 10.73
CA GLN D 82 3.27 23.91 12.15
C GLN D 82 4.42 23.30 12.94
N SER D 83 4.53 23.72 14.19
CA SER D 83 5.61 23.24 15.04
C SER D 83 5.62 21.71 15.13
N GLU D 84 4.44 21.10 15.21
CA GLU D 84 4.37 19.65 15.30
C GLU D 84 4.78 18.95 14.02
N ASP D 85 4.94 19.68 12.91
CA ASP D 85 5.40 19.09 11.66
C ASP D 85 6.91 18.94 11.60
N LEU D 86 7.64 19.45 12.59
CA LEU D 86 9.09 19.28 12.63
C LEU D 86 9.41 17.82 12.90
N ALA D 87 9.92 17.13 11.89
CA ALA D 87 10.17 15.70 11.96
C ALA D 87 11.00 15.31 10.75
N ASP D 88 11.35 14.01 10.69
CA ASP D 88 11.93 13.43 9.48
C ASP D 88 10.83 13.03 8.52
N TYR D 89 11.09 13.18 7.23
CA TYR D 89 10.17 12.80 6.18
C TYR D 89 10.90 11.95 5.16
N PHE D 90 10.31 10.83 4.78
CA PHE D 90 10.98 9.96 3.82
C PHE D 90 10.00 9.27 2.89
N CYS D 91 10.47 8.97 1.68
CA CYS D 91 9.68 8.34 0.64
C CYS D 91 9.89 6.83 0.63
N GLN D 92 9.09 6.16 -0.19
CA GLN D 92 9.13 4.70 -0.34
C GLN D 92 8.59 4.35 -1.71
N GLN D 93 9.21 3.39 -2.37
CA GLN D 93 8.64 2.76 -3.55
C GLN D 93 8.22 1.34 -3.20
N TYR D 94 7.05 0.94 -3.69
CA TYR D 94 6.53 -0.41 -3.48
C TYR D 94 6.16 -1.06 -4.81
N ALA D 95 6.83 -0.64 -5.89
CA ALA D 95 6.58 -1.23 -7.20
C ALA D 95 7.25 -2.58 -7.37
N THR D 96 8.34 -2.83 -6.66
CA THR D 96 9.09 -4.06 -6.85
C THR D 96 9.82 -4.42 -5.55
N TYR D 97 10.15 -5.71 -5.42
CA TYR D 97 10.93 -6.17 -4.28
C TYR D 97 12.42 -5.95 -4.55
N PRO D 98 13.20 -5.59 -3.53
CA PRO D 98 12.78 -5.28 -2.15
C PRO D 98 12.13 -3.91 -2.09
N LEU D 99 11.07 -3.74 -1.30
CA LEU D 99 10.60 -2.40 -1.01
C LEU D 99 11.75 -1.59 -0.43
N THR D 100 11.84 -0.32 -0.83
CA THR D 100 12.96 0.52 -0.43
C THR D 100 12.46 1.90 -0.03
N PHE D 101 13.22 2.57 0.83
CA PHE D 101 12.85 3.85 1.40
C PHE D 101 13.97 4.85 1.19
N GLY D 102 13.60 6.12 1.19
CA GLY D 102 14.59 7.18 1.16
C GLY D 102 15.32 7.32 2.49
N SER D 103 16.45 8.02 2.44
CA SER D 103 17.25 8.20 3.65
C SER D 103 16.64 9.21 4.60
N GLY D 104 15.79 10.10 4.12
CA GLY D 104 15.03 10.98 4.99
C GLY D 104 15.54 12.41 4.94
N THR D 105 14.62 13.35 5.11
CA THR D 105 14.92 14.77 5.20
C THR D 105 14.36 15.30 6.51
N LYS D 106 15.22 15.85 7.35
CA LYS D 106 14.81 16.34 8.67
C LYS D 106 14.39 17.79 8.55
N LEU D 107 13.17 18.09 8.97
CA LEU D 107 12.62 19.44 8.90
C LEU D 107 12.88 20.13 10.23
N GLU D 108 13.60 21.25 10.19
CA GLU D 108 14.05 21.96 11.38
C GLU D 108 13.62 23.41 11.32
N LEU D 109 13.70 24.08 12.48
CA LEU D 109 13.18 25.43 12.63
C LEU D 109 14.26 26.47 12.41
N LYS D 110 13.90 27.57 11.77
CA LYS D 110 14.82 28.67 11.55
C LYS D 110 14.93 29.53 12.80
N ARG D 111 16.06 30.22 12.92
CA ARG D 111 16.27 31.19 13.99
C ARG D 111 17.47 32.06 13.63
N THR D 112 17.73 33.04 14.48
CA THR D 112 18.85 33.95 14.26
C THR D 112 20.17 33.19 14.38
N ASP D 113 21.15 33.60 13.58
CA ASP D 113 22.49 33.03 13.68
C ASP D 113 23.03 33.24 15.08
N ALA D 114 23.79 32.24 15.56
CA ALA D 114 24.37 32.29 16.90
C ALA D 114 25.75 31.65 16.85
N ALA D 115 26.73 32.32 17.44
CA ALA D 115 28.09 31.79 17.43
C ALA D 115 28.25 30.73 18.54
N PRO D 116 29.10 29.74 18.32
CA PRO D 116 29.28 28.70 19.34
C PRO D 116 30.05 29.21 20.54
N THR D 117 29.67 28.73 21.72
CA THR D 117 30.47 28.90 22.92
C THR D 117 31.44 27.73 22.99
N VAL D 118 32.73 28.00 22.84
CA VAL D 118 33.76 26.98 22.73
C VAL D 118 34.51 26.89 24.05
N SER D 119 34.72 25.66 24.52
CA SER D 119 35.44 25.39 25.75
C SER D 119 36.31 24.17 25.55
N ILE D 120 37.59 24.30 25.91
CA ILE D 120 38.56 23.20 25.79
C ILE D 120 38.95 22.76 27.19
N PHE D 121 39.06 21.44 27.38
CA PHE D 121 39.34 20.85 28.68
C PHE D 121 40.46 19.83 28.52
N PRO D 122 41.50 19.88 29.36
CA PRO D 122 42.62 18.96 29.21
C PRO D 122 42.33 17.62 29.86
N PRO D 123 43.20 16.64 29.68
CA PRO D 123 43.00 15.34 30.33
C PRO D 123 42.96 15.49 31.85
N SER D 124 42.25 14.57 32.49
CA SER D 124 42.19 14.53 33.94
C SER D 124 43.32 13.65 34.48
N SER D 125 43.83 14.02 35.66
CA SER D 125 44.91 13.23 36.26
C SER D 125 44.49 11.78 36.45
N GLU D 126 43.20 11.54 36.72
CA GLU D 126 42.71 10.17 36.86
C GLU D 126 42.93 9.39 35.56
N GLN D 127 42.51 9.97 34.43
CA GLN D 127 42.70 9.28 33.15
C GLN D 127 44.19 9.13 32.83
N LEU D 128 44.99 10.16 33.11
CA LEU D 128 46.41 10.08 32.83
C LEU D 128 47.06 8.95 33.61
N THR D 129 46.67 8.77 34.87
CA THR D 129 47.16 7.62 35.63
C THR D 129 46.76 6.31 34.98
N SER D 130 45.59 6.28 34.32
CA SER D 130 45.11 5.07 33.67
C SER D 130 45.86 4.76 32.38
N GLY D 131 46.64 5.71 31.85
CA GLY D 131 47.42 5.49 30.65
C GLY D 131 46.91 6.17 29.41
N GLY D 132 45.81 6.94 29.51
CA GLY D 132 45.27 7.66 28.37
C GLY D 132 45.20 9.15 28.65
N ALA D 133 44.85 9.91 27.61
CA ALA D 133 44.76 11.36 27.73
C ALA D 133 43.76 11.85 26.69
N SER D 134 42.59 12.28 27.14
CA SER D 134 41.55 12.82 26.28
C SER D 134 41.47 14.32 26.46
N VAL D 135 41.56 15.06 25.36
CA VAL D 135 41.34 16.49 25.33
C VAL D 135 39.96 16.72 24.74
N VAL D 136 39.08 17.35 25.51
CA VAL D 136 37.68 17.51 25.11
C VAL D 136 37.45 18.94 24.69
N CYS D 137 36.54 19.13 23.73
CA CYS D 137 36.15 20.46 23.28
C CYS D 137 34.65 20.48 23.06
N PHE D 138 33.97 21.36 23.78
CA PHE D 138 32.55 21.60 23.61
C PHE D 138 32.35 22.85 22.77
N LEU D 139 31.38 22.81 21.86
CA LEU D 139 30.99 23.95 21.04
C LEU D 139 29.47 24.01 21.09
N ASN D 140 28.93 24.87 21.95
CA ASN D 140 27.54 24.78 22.34
C ASN D 140 26.73 25.97 21.83
N ASN D 141 25.46 25.71 21.55
CA ASN D 141 24.45 26.74 21.30
C ASN D 141 24.84 27.64 20.13
N PHE D 142 25.00 27.02 18.97
CA PHE D 142 25.26 27.73 17.73
C PHE D 142 24.20 27.41 16.69
N TYR D 143 24.03 28.34 15.75
CA TYR D 143 23.10 28.19 14.64
C TYR D 143 23.67 28.99 13.47
N PRO D 144 23.64 28.45 12.25
CA PRO D 144 23.12 27.14 11.83
C PRO D 144 24.01 25.97 12.21
N LYS D 145 23.58 24.75 11.92
CA LYS D 145 24.34 23.56 12.32
C LYS D 145 25.66 23.44 11.57
N ASP D 146 25.83 24.17 10.47
CA ASP D 146 27.07 24.09 9.70
C ASP D 146 28.23 24.62 10.54
N ILE D 147 29.26 23.78 10.69
CA ILE D 147 30.44 24.15 11.49
C ILE D 147 31.56 23.17 11.18
N ASN D 148 32.81 23.65 11.20
CA ASN D 148 33.97 22.79 10.95
C ASN D 148 34.93 22.90 12.11
N VAL D 149 35.31 21.76 12.69
CA VAL D 149 36.17 21.72 13.87
C VAL D 149 37.47 21.03 13.51
N LYS D 150 38.58 21.59 14.01
CA LYS D 150 39.91 21.03 13.82
C LYS D 150 40.63 20.94 15.16
N TRP D 151 41.33 19.83 15.34
CA TRP D 151 42.27 19.68 16.44
C TRP D 151 43.67 20.01 15.94
N LYS D 152 44.38 20.87 16.65
CA LYS D 152 45.72 21.30 16.25
C LYS D 152 46.68 21.07 17.41
N ILE D 153 47.66 20.21 17.19
CA ILE D 153 48.72 19.95 18.17
C ILE D 153 49.97 20.68 17.68
N ASP D 154 50.45 21.63 18.49
CA ASP D 154 51.62 22.44 18.14
C ASP D 154 51.48 23.03 16.74
N GLY D 155 50.25 23.35 16.34
CA GLY D 155 49.97 24.00 15.08
C GLY D 155 49.58 23.07 13.95
N SER D 156 49.83 21.77 14.08
CA SER D 156 49.56 20.81 13.01
C SER D 156 48.21 20.15 13.23
N GLU D 157 47.43 20.05 12.16
CA GLU D 157 46.13 19.42 12.25
C GLU D 157 46.27 17.93 12.54
N ARG D 158 45.32 17.42 13.31
CA ARG D 158 45.30 16.02 13.73
C ARG D 158 43.92 15.43 13.48
N GLN D 159 43.88 14.31 12.75
CA GLN D 159 42.63 13.61 12.48
C GLN D 159 42.71 12.14 12.89
N ASN D 160 43.74 11.73 13.61
CA ASN D 160 43.89 10.36 14.10
C ASN D 160 43.61 10.38 15.60
N GLY D 161 42.48 9.82 16.00
CA GLY D 161 42.09 9.77 17.39
C GLY D 161 41.02 10.76 17.80
N VAL D 162 40.25 11.29 16.86
CA VAL D 162 39.19 12.26 17.15
C VAL D 162 37.85 11.55 17.06
N LEU D 163 37.02 11.75 18.07
CA LEU D 163 35.64 11.27 18.09
C LEU D 163 34.70 12.45 18.31
N ASN D 164 33.74 12.61 17.41
CA ASN D 164 32.83 13.73 17.45
C ASN D 164 31.41 13.26 17.69
N SER D 165 30.62 14.12 18.34
CA SER D 165 29.21 13.84 18.61
C SER D 165 28.43 15.14 18.46
N TRP D 166 27.23 15.03 17.89
CA TRP D 166 26.37 16.18 17.64
C TRP D 166 25.05 16.01 18.39
N THR D 167 24.34 17.12 18.51
CA THR D 167 22.99 17.13 19.07
C THR D 167 22.02 17.63 18.01
N ASP D 168 20.78 17.14 18.09
CA ASP D 168 19.73 17.65 17.22
C ASP D 168 19.31 19.04 17.70
N GLN D 169 18.51 19.71 16.87
CA GLN D 169 18.09 21.07 17.20
C GLN D 169 17.41 21.08 18.56
N ASP D 170 17.86 21.98 19.44
CA ASP D 170 17.40 21.99 20.82
C ASP D 170 15.96 22.47 20.90
N SER D 171 15.17 21.79 21.73
CA SER D 171 13.75 22.08 21.81
C SER D 171 13.49 23.49 22.32
N LYS D 172 14.37 24.03 23.15
CA LYS D 172 14.14 25.34 23.77
C LYS D 172 14.59 26.49 22.87
N ASP D 173 15.89 26.57 22.60
CA ASP D 173 16.46 27.70 21.88
C ASP D 173 16.71 27.41 20.40
N SER D 174 16.29 26.23 19.91
CA SER D 174 16.43 25.88 18.49
C SER D 174 17.89 25.94 18.05
N THR D 175 18.79 25.47 18.92
CA THR D 175 20.23 25.59 18.73
C THR D 175 20.86 24.21 18.60
N TYR D 176 22.14 24.20 18.20
CA TYR D 176 22.90 22.97 18.04
C TYR D 176 24.15 23.01 18.92
N SER D 177 24.66 21.82 19.24
CA SER D 177 25.88 21.72 20.04
C SER D 177 26.67 20.50 19.59
N MET D 178 27.99 20.58 19.76
CA MET D 178 28.89 19.52 19.33
C MET D 178 29.95 19.29 20.40
N SER D 179 30.44 18.05 20.46
CA SER D 179 31.53 17.66 21.32
C SER D 179 32.58 16.94 20.49
N SER D 180 33.85 17.20 20.79
CA SER D 180 34.95 16.62 20.03
C SER D 180 36.05 16.21 21.01
N THR D 181 36.39 14.93 21.01
CA THR D 181 37.36 14.37 21.95
C THR D 181 38.55 13.81 21.18
N LEU D 182 39.74 14.33 21.48
CA LEU D 182 40.98 13.84 20.91
C LEU D 182 41.68 12.99 21.96
N THR D 183 41.76 11.69 21.72
CA THR D 183 42.28 10.73 22.69
C THR D 183 43.64 10.23 22.21
N LEU D 184 44.67 10.50 23.00
CA LEU D 184 46.01 9.99 22.78
C LEU D 184 46.42 9.14 23.97
N THR D 185 47.58 8.51 23.88
CA THR D 185 48.15 7.86 25.05
C THR D 185 48.94 8.88 25.86
N LYS D 186 49.19 8.54 27.13
CA LYS D 186 49.88 9.47 28.01
C LYS D 186 51.18 9.96 27.38
N ASP D 187 51.90 9.08 26.69
CA ASP D 187 53.19 9.46 26.12
C ASP D 187 53.03 10.43 24.96
N GLU D 188 52.21 10.05 23.97
CA GLU D 188 51.95 10.96 22.84
C GLU D 188 51.46 12.31 23.34
N TYR D 189 50.69 12.33 24.43
CA TYR D 189 50.18 13.59 24.96
C TYR D 189 51.29 14.41 25.61
N GLU D 190 52.12 13.77 26.43
CA GLU D 190 53.21 14.48 27.10
C GLU D 190 54.28 14.95 26.12
N ARG D 191 54.35 14.36 24.93
CA ARG D 191 55.36 14.78 23.96
C ARG D 191 55.16 16.22 23.53
N HIS D 192 53.90 16.66 23.39
CA HIS D 192 53.59 18.00 22.92
C HIS D 192 53.24 18.89 24.11
N ASN D 193 52.87 20.14 23.79
CA ASN D 193 52.59 21.14 24.82
C ASN D 193 51.27 21.84 24.56
N SER D 194 51.07 22.34 23.35
CA SER D 194 49.91 23.16 23.01
C SER D 194 48.89 22.32 22.26
N TYR D 195 47.66 22.29 22.75
CA TYR D 195 46.54 21.61 22.10
C TYR D 195 45.44 22.63 21.86
N THR D 196 44.89 22.65 20.65
CA THR D 196 43.98 23.71 20.23
C THR D 196 42.74 23.14 19.58
N CYS D 197 41.58 23.63 20.00
CA CYS D 197 40.31 23.39 19.35
C CYS D 197 39.98 24.63 18.51
N GLU D 198 39.90 24.45 17.19
CA GLU D 198 39.69 25.54 16.24
C GLU D 198 38.39 25.29 15.50
N ALA D 199 37.38 26.13 15.75
CA ALA D 199 36.07 26.00 15.13
C ALA D 199 35.88 27.12 14.11
N THR D 200 35.16 26.80 13.04
CA THR D 200 34.85 27.74 11.98
C THR D 200 33.36 27.69 11.71
N HIS D 201 32.72 28.85 11.73
CA HIS D 201 31.28 29.00 11.66
C HIS D 201 30.97 30.30 10.97
N LYS D 202 29.84 30.34 10.25
CA LYS D 202 29.53 31.51 9.43
C LYS D 202 29.26 32.77 10.25
N THR D 203 29.29 32.69 11.58
CA THR D 203 29.16 33.88 12.41
C THR D 203 30.49 34.61 12.60
N SER D 204 31.56 34.14 11.99
CA SER D 204 32.88 34.74 12.19
C SER D 204 33.74 34.48 10.96
N THR D 205 34.28 35.55 10.37
CA THR D 205 35.22 35.39 9.27
C THR D 205 36.42 34.56 9.70
N SER D 206 37.04 34.94 10.82
CA SER D 206 38.16 34.19 11.36
C SER D 206 37.67 33.08 12.28
N PRO D 207 38.50 32.07 12.55
CA PRO D 207 38.05 30.95 13.38
C PRO D 207 38.04 31.28 14.86
N ILE D 208 37.04 30.73 15.56
CA ILE D 208 37.09 30.69 17.01
C ILE D 208 38.15 29.69 17.44
N VAL D 209 38.91 30.03 18.48
CA VAL D 209 40.05 29.21 18.87
C VAL D 209 40.12 29.17 20.39
N LYS D 210 40.31 27.97 20.94
CA LYS D 210 40.64 27.80 22.35
C LYS D 210 41.84 26.86 22.44
N SER D 211 42.67 27.07 23.46
CA SER D 211 43.92 26.33 23.55
C SER D 211 44.27 26.05 25.00
N PHE D 212 44.96 24.93 25.20
CA PHE D 212 45.50 24.53 26.49
C PHE D 212 46.98 24.21 26.31
N ASN D 213 47.82 24.81 27.15
CA ASN D 213 49.25 24.60 27.11
C ASN D 213 49.69 23.70 28.27
N ARG D 214 50.84 23.06 28.09
CA ARG D 214 51.41 22.20 29.11
C ARG D 214 50.49 21.01 29.39
C1 NAG E . -19.58 1.64 -6.91
C2 NAG E . -19.24 2.99 -6.29
C3 NAG E . -17.94 2.90 -5.50
C4 NAG E . -17.96 1.73 -4.53
C5 NAG E . -18.37 0.46 -5.29
C6 NAG E . -18.40 -0.81 -4.46
C7 NAG E . -19.99 5.03 -7.46
C8 NAG E . -19.66 5.96 -8.60
N2 NAG E . -19.14 3.99 -7.31
O3 NAG E . -17.75 4.13 -4.84
O4 NAG E . -16.66 1.62 -4.02
O5 NAG E . -19.64 0.67 -5.89
O6 NAG E . -18.91 -0.59 -3.17
O7 NAG E . -20.95 5.22 -6.73
H2 NAG E . -19.95 3.23 -5.69
H3 NAG E . -17.23 2.73 -6.14
H4 NAG E . -18.61 1.90 -3.84
H5 NAG E . -17.70 0.30 -5.98
H61 NAG E . -18.92 -1.47 -4.95
H62 NAG E . -17.49 -1.15 -4.43
H81 NAG E . -20.47 6.39 -8.90
H82 NAG E . -19.03 6.63 -8.31
H83 NAG E . -19.27 5.44 -9.34
HN2 NAG E . -18.48 3.93 -7.87
HO3 NAG E . -16.99 4.10 -4.46
C1 NAG E . -16.64 1.80 -2.58
C2 NAG E . -15.37 1.19 -1.95
C3 NAG E . -15.48 1.30 -0.44
C4 NAG E . -15.67 2.77 -0.05
C5 NAG E . -16.84 3.36 -0.83
C6 NAG E . -17.08 4.83 -0.56
C7 NAG E . -14.30 -0.58 -3.28
C8 NAG E . -14.30 -2.07 -3.56
N2 NAG E . -15.18 -0.18 -2.37
O3 NAG E . -14.31 0.75 0.13
O4 NAG E . -15.91 2.77 1.35
O5 NAG E . -16.64 3.17 -2.22
O6 NAG E . -18.09 5.32 -1.40
O7 NAG E . -13.52 0.16 -3.86
H2 NAG E . -14.59 1.68 -2.26
H3 NAG E . -16.27 0.81 -0.15
H4 NAG E . -14.87 3.26 -0.28
H5 NAG E . -17.66 2.90 -0.56
H61 NAG E . -17.29 4.94 0.37
H62 NAG E . -16.23 5.29 -0.71
H81 NAG E . -13.40 -2.36 -3.79
H82 NAG E . -14.59 -2.54 -2.76
H83 NAG E . -14.90 -2.26 -4.29
HN2 NAG E . -15.70 -0.77 -2.00
HO3 NAG E . -14.39 0.78 0.98
HO6 NAG E . -18.18 6.16 -1.25
C1 BMA E . -15.37 3.96 1.99
C2 BMA E . -15.68 3.88 3.47
C3 BMA E . -14.79 4.79 4.35
C4 BMA E . -13.37 5.15 3.84
C5 BMA E . -13.07 4.85 2.37
C6 BMA E . -11.66 4.31 2.14
O2 BMA E . -15.59 2.53 3.86
O3 BMA E . -14.76 4.15 5.61
O4 BMA E . -13.26 6.54 4.08
O5 BMA E . -13.98 4.00 1.70
O6 BMA E . -11.66 2.94 2.43
H2 BMA E . -16.57 4.25 3.55
H3 BMA E . -15.23 5.65 4.34
H4 BMA E . -12.74 4.61 4.34
H5 BMA E . -13.14 5.71 1.93
H61 BMA E . -11.40 4.46 1.22
H62 BMA E . -11.03 4.79 2.70
HO2 BMA E . -16.28 2.14 3.55
HO3 BMA E . -14.44 3.38 5.53
HO4 BMA E . -13.13 6.66 4.91
HO6 BMA E . -10.92 2.60 2.17
C1 FUC E . -20.29 -0.15 -3.24
C2 FUC E . -20.98 -1.43 -2.71
C3 FUC E . -20.94 -1.54 -1.19
C4 FUC E . -21.36 -0.22 -0.54
C5 FUC E . -20.42 0.86 -1.06
C6 FUC E . -20.66 2.22 -0.45
O2 FUC E . -20.33 -2.53 -3.29
O3 FUC E . -21.78 -2.62 -0.84
O4 FUC E . -22.72 0.02 -0.86
O5 FUC E . -20.56 0.99 -2.47
H2 FUC E . -21.90 -1.32 -2.99
H3 FUC E . -20.02 -1.70 -0.92
H4 FUC E . -21.26 -0.28 0.42
H5 FUC E . -19.51 0.59 -0.83
H61 FUC E . -20.01 2.86 -0.78
H62 FUC E . -21.55 2.53 -0.67
H63 FUC E . -20.57 2.17 0.52
HO2 FUC E . -20.73 -3.23 -3.04
HO3 FUC E . -21.60 -2.84 -0.04
HO4 FUC E . -23.00 0.66 -0.35
C1 NAG F . 8.19 -14.90 -11.20
C2 NAG F . 9.03 -14.99 -12.47
C3 NAG F . 9.95 -16.20 -12.40
C4 NAG F . 10.76 -16.22 -11.11
C5 NAG F . 9.85 -15.98 -9.90
C6 NAG F . 10.60 -15.77 -8.60
C7 NAG F . 8.26 -14.21 -14.68
C8 NAG F . 7.30 -14.50 -15.82
N2 NAG F . 8.20 -15.07 -13.65
O3 NAG F . 10.78 -16.18 -13.52
O4 NAG F . 11.35 -17.49 -11.07
O5 NAG F . 9.06 -14.83 -10.10
O6 NAG F . 11.37 -14.60 -8.69
O7 NAG F . 9.03 -13.26 -14.73
C1 NAG F . 12.63 -17.44 -10.40
C2 NAG F . 13.17 -18.88 -10.35
C3 NAG F . 14.55 -18.90 -9.71
C4 NAG F . 15.46 -17.91 -10.41
C5 NAG F . 14.79 -16.53 -10.43
C6 NAG F . 15.62 -15.46 -11.10
C7 NAG F . 11.42 -20.62 -10.28
C8 NAG F . 10.53 -21.42 -9.35
N2 NAG F . 12.24 -19.75 -9.66
O3 NAG F . 15.03 -20.21 -9.78
O4 NAG F . 16.68 -17.88 -9.71
O5 NAG F . 13.55 -16.63 -11.09
O6 NAG F . 16.82 -15.26 -10.39
O7 NAG F . 11.37 -20.76 -11.49
C1 FUC F . 11.72 -14.12 -7.38
C2 FUC F . 12.97 -13.25 -7.52
C3 FUC F . 12.66 -12.03 -8.37
C4 FUC F . 11.49 -11.25 -7.78
C5 FUC F . 10.31 -12.20 -7.57
C6 FUC F . 9.14 -11.56 -6.84
O2 FUC F . 13.99 -14.05 -8.06
O3 FUC F . 13.84 -11.27 -8.46
O4 FUC F . 11.92 -10.65 -6.57
O5 FUC F . 10.70 -13.35 -6.82
C1 NAG G . -0.67 3.40 -21.84
C2 NAG G . 0.71 3.68 -21.28
C3 NAG G . 1.04 5.17 -21.38
C4 NAG G . 0.75 5.74 -22.77
C5 NAG G . -0.62 5.26 -23.26
C6 NAG G . -0.93 5.66 -24.69
C7 NAG G . 1.17 2.04 -19.48
C8 NAG G . 1.19 1.85 -17.97
N2 NAG G . 0.80 3.26 -19.90
O3 NAG G . 2.39 5.32 -21.03
O4 NAG G . 0.74 7.14 -22.59
O5 NAG G . -0.71 3.86 -23.17
O6 NAG G . -0.23 4.82 -25.58
O7 NAG G . 1.48 1.14 -20.23
C1 NAG G . 1.61 7.83 -23.51
C2 NAG G . 1.43 9.33 -23.22
C3 NAG G . 2.39 10.17 -24.06
C4 NAG G . 3.82 9.67 -23.92
C5 NAG G . 3.85 8.17 -24.19
C6 NAG G . 5.24 7.57 -24.04
C7 NAG G . -0.72 10.26 -22.49
C8 NAG G . -2.10 10.67 -22.93
N2 NAG G . 0.07 9.76 -23.46
O3 NAG G . 2.24 11.49 -23.60
O4 NAG G . 4.60 10.37 -24.86
O5 NAG G . 2.97 7.48 -23.34
O6 NAG G . 5.25 6.22 -24.45
O7 NAG G . -0.36 10.39 -21.33
C1 BMA G . 5.00 11.65 -24.35
C2 BMA G . 6.48 11.81 -24.65
C3 BMA G . 6.99 13.17 -24.12
C4 BMA G . 5.97 14.33 -24.27
C5 BMA G . 4.74 14.00 -25.11
C6 BMA G . 4.90 14.31 -26.59
O2 BMA G . 6.68 11.66 -26.02
O3 BMA G . 8.22 13.41 -24.77
O4 BMA G . 5.60 14.67 -22.95
O5 BMA G . 4.24 12.67 -24.96
O6 BMA G . 3.78 13.75 -27.26
C1 MAN G . 8.99 14.37 -23.99
C2 MAN G . 10.46 14.23 -24.40
C3 MAN G . 11.08 12.95 -23.85
C4 MAN G . 10.88 12.90 -22.34
C5 MAN G . 9.37 12.96 -22.06
C6 MAN G . 9.09 12.98 -20.56
O2 MAN G . 11.13 15.38 -23.92
O3 MAN G . 12.44 12.94 -24.19
O4 MAN G . 11.45 11.69 -21.88
O5 MAN G . 8.82 14.15 -22.60
O6 MAN G . 10.20 13.53 -19.89
C1 NAG H . -34.12 -5.20 -18.59
C2 NAG H . -33.53 -5.63 -17.24
C3 NAG H . -34.55 -5.36 -16.15
C4 NAG H . -34.98 -3.89 -16.14
C5 NAG H . -35.34 -3.42 -17.55
C6 NAG H . -35.51 -1.92 -17.65
C7 NAG H . -31.92 -7.47 -16.86
C8 NAG H . -31.76 -8.97 -16.88
N2 NAG H . -33.15 -7.02 -17.20
O3 NAG H . -34.00 -5.76 -14.92
O4 NAG H . -36.12 -3.82 -15.29
O5 NAG H . -34.36 -3.82 -18.49
O6 NAG H . -34.27 -1.29 -17.39
O7 NAG H . -31.01 -6.73 -16.56
H2 NAG H . -32.72 -5.12 -17.11
H3 NAG H . -35.35 -5.87 -16.35
H4 NAG H . -34.24 -3.38 -15.80
H5 NAG H . -36.17 -3.86 -17.79
H61 NAG H . -35.83 -1.71 -18.54
H62 NAG H . -36.19 -1.65 -17.03
H81 NAG H . -31.35 -9.26 -16.05
H82 NAG H . -32.63 -9.38 -16.98
H83 NAG H . -31.20 -9.22 -17.62
HN2 NAG H . -33.76 -7.60 -17.41
HO3 NAG H . -34.60 -5.69 -14.32
HO6 NAG H . -34.39 -0.44 -17.42
C1 NAG H . -35.92 -2.96 -14.14
C2 NAG H . -37.22 -2.70 -13.34
C3 NAG H . -36.94 -1.80 -12.16
C4 NAG H . -35.77 -2.32 -11.33
C5 NAG H . -34.58 -2.61 -12.24
C6 NAG H . -33.37 -3.14 -11.51
C7 NAG H . -39.48 -2.55 -14.42
C8 NAG H . -39.91 -3.84 -13.78
N2 NAG H . -38.23 -2.09 -14.18
O3 NAG H . -38.12 -1.72 -11.41
O4 NAG H . -35.46 -1.33 -10.37
O5 NAG H . -34.98 -3.53 -13.24
O6 NAG H . -32.37 -3.50 -12.42
O7 NAG H . -40.26 -1.93 -15.15
H2 NAG H . -37.53 -3.57 -13.04
H3 NAG H . -36.68 -0.93 -12.50
H4 NAG H . -36.05 -3.14 -10.91
H5 NAG H . -34.30 -1.78 -12.68
H61 NAG H . -33.06 -2.45 -10.89
H62 NAG H . -33.64 -3.89 -10.96
H81 NAG H . -40.78 -4.09 -14.11
H82 NAG H . -39.26 -4.54 -14.00
H83 NAG H . -39.94 -3.73 -12.82
HN2 NAG H . -38.00 -1.36 -14.56
HO3 NAG H . -37.95 -1.26 -10.71
HO4 NAG H . -35.14 -1.70 -9.68
HO6 NAG H . -31.72 -3.83 -11.99
C1 NAG I . -55.58 -15.98 -20.96
C2 NAG I . -54.57 -16.74 -20.09
C3 NAG I . -55.25 -17.93 -19.42
C4 NAG I . -56.53 -17.52 -18.71
C5 NAG I . -57.41 -16.66 -19.63
C6 NAG I . -58.63 -16.09 -18.92
C7 NAG I . -52.20 -16.75 -20.75
C8 NAG I . -51.20 -17.41 -21.64
N2 NAG I . -53.45 -17.21 -20.85
O3 NAG I . -54.32 -18.51 -18.55
O4 NAG I . -57.17 -18.72 -18.38
O5 NAG I . -56.66 -15.59 -20.15
O6 NAG I . -58.20 -15.33 -17.81
O7 NAG I . -51.87 -15.84 -19.99
H2 NAG I . -54.25 -16.11 -19.43
H3 NAG I . -55.52 -18.55 -20.13
H4 NAG I . -56.29 -16.98 -17.94
H5 NAG I . -57.73 -17.22 -20.35
H61 NAG I . -59.12 -15.54 -19.55
H62 NAG I . -59.20 -16.81 -18.67
H81 NAG I . -50.37 -17.58 -21.16
H82 NAG I . -51.56 -18.26 -21.96
H83 NAG I . -51.00 -16.84 -22.41
HN2 NAG I . -53.60 -17.85 -21.41
HO3 NAG I . -54.70 -19.17 -18.17
HO6 NAG I . -58.89 -15.11 -17.36
C1 NAG I . -57.77 -18.63 -17.07
C2 NAG I . -58.75 -19.80 -16.81
C3 NAG I . -59.43 -19.56 -15.47
C4 NAG I . -58.36 -19.41 -14.38
C5 NAG I . -57.34 -18.35 -14.79
C6 NAG I . -56.20 -18.16 -13.81
C7 NAG I . -59.41 -20.44 -19.10
C8 NAG I . -60.55 -20.44 -20.08
N2 NAG I . -59.69 -19.91 -17.89
O3 NAG I . -60.29 -20.64 -15.22
O4 NAG I . -59.03 -19.07 -13.19
O5 NAG I . -56.79 -18.69 -16.05
O6 NAG I . -55.42 -19.33 -13.77
O7 NAG I . -58.31 -20.87 -19.40
H2 NAG I . -58.26 -20.64 -16.77
H3 NAG I . -59.93 -18.74 -15.51
H4 NAG I . -57.91 -20.27 -14.30
H5 NAG I . -57.80 -17.50 -14.84
H61 NAG I . -55.69 -17.38 -14.09
H62 NAG I . -56.58 -17.95 -12.94
H81 NAG I . -60.21 -20.63 -20.97
H82 NAG I . -61.19 -21.12 -19.83
H83 NAG I . -60.99 -19.57 -20.07
HN2 NAG I . -60.50 -19.62 -17.74
HO3 NAG I . -60.65 -20.51 -14.46
HO4 NAG I . -58.57 -19.33 -12.53
HO6 NAG I . -54.78 -19.20 -13.21
C1 PGE J . -27.54 -17.72 -16.25
O1 PGE J . -26.55 -17.64 -15.25
C2 PGE J . -26.87 -17.78 -17.60
O2 PGE J . -27.54 -18.71 -18.42
C3 PGE J . -27.24 -18.64 -19.80
C4 PGE J . -26.91 -19.94 -20.46
O4 PGE J . -25.91 -23.82 -20.81
C6 PGE J . -26.83 -23.34 -19.85
C5 PGE J . -27.59 -22.20 -20.48
O3 PGE J . -27.38 -21.04 -19.71
H1 PGE J . -28.10 -18.50 -16.16
H12 PGE J . -28.12 -16.95 -16.24
HO1 PGE J . -26.93 -17.57 -14.49
H2 PGE J . -26.89 -16.89 -18.00
H22 PGE J . -25.95 -18.03 -17.49
H3 PGE J . -27.99 -18.23 -20.26
H32 PGE J . -26.48 -18.03 -19.92
H4 PGE J . -27.31 -19.94 -21.35
H42 PGE J . -25.95 -19.99 -20.58
HO4 PGE J . -25.37 -24.35 -20.42
H6 PGE J . -27.45 -24.03 -19.57
H62 PGE J . -26.38 -23.02 -19.04
H5 PGE J . -27.28 -22.07 -21.40
H52 PGE J . -28.53 -22.42 -20.53
#